data_1EZF
#
_entry.id   1EZF
#
_cell.length_a   76.760
_cell.length_b   87.920
_cell.length_c   154.170
_cell.angle_alpha   90.00
_cell.angle_beta   90.00
_cell.angle_gamma   90.00
#
_symmetry.space_group_name_H-M   'P 21 21 21'
#
loop_
_entity.id
_entity.type
_entity.pdbx_description
1 polymer 'FARNESYL-DIPHOSPHATE FARNESYLTRANSFERASE'
2 non-polymer 'N-{2-[TRANS-7-CHLORO-1-(2,2-DIMETHYL-PROPYL) -5-NAPHTHALEN-1-YL-2-OXO-1,2,3,5-TETRAHYDRO-BENZO[E] [1,4]OXAZEPIN-3-YL]-ACETYL}-ASPARTIC ACID'
3 water water
#
_entity_poly.entity_id   1
_entity_poly.type   'polypeptide(L)'
_entity_poly.pdbx_seq_one_letter_code
;MDRNSLSNSLKTCYKYLNQTSRSFAAVIQALDGEMRNAVCIFYLVLRALDTLEDDMTISVEKKVPLLHNFHSFLYQPDWR
FMESKEKDRQVLEDFPTISLEFRNLAEKYQTVIADICRRMGIGMAEFLDKHVTSEQEWDKYCHYVAGLVGIGLSRLFSAS
EFEDPLVGEDTERANSMGLFLQKTNIIRDYLEDQQGGREFWPQEVWSRYVKKLGDFAKPENIDLAVQCLNELITNALHHI
PDVITYLSRLRNQSVFNFCAIPQVMAIATLAACYNNQQVFKGAVKIRKGQAVTLMMDATNMPAVKAIIYQYMEEIYHRIP
DSDPSSSKTRQIISTIRTQN
;
_entity_poly.pdbx_strand_id   A,B,C
#
loop_
_chem_comp.id
_chem_comp.type
_chem_comp.name
_chem_comp.formula
IN0 non-polymer 'N-{2-[TRANS-7-CHLORO-1-(2,2-DIMETHYL-PROPYL) -5-NAPHTHALEN-1-YL-2-OXO-1,2,3,5-TETRAHYDRO-BENZO[E] [1,4]OXAZEPIN-3-YL]-ACETYL}-ASPARTIC ACID' 'C30 H31 Cl N2 O7'
#
# COMPACT_ATOMS: atom_id res chain seq x y z
N ASN A 8 3.82 33.25 13.91
CA ASN A 8 4.55 32.20 14.68
C ASN A 8 3.58 31.37 15.52
N SER A 9 2.35 31.86 15.65
CA SER A 9 1.32 31.18 16.42
C SER A 9 0.90 29.88 15.74
N LEU A 10 0.67 29.96 14.42
CA LEU A 10 0.27 28.80 13.65
C LEU A 10 1.31 27.70 13.81
N LYS A 11 2.57 28.10 13.80
CA LYS A 11 3.68 27.17 13.97
C LYS A 11 3.59 26.49 15.32
N THR A 12 3.27 27.28 16.34
CA THR A 12 3.13 26.76 17.70
C THR A 12 1.97 25.76 17.71
N CYS A 13 0.89 26.11 17.03
CA CYS A 13 -0.27 25.23 16.94
C CYS A 13 0.12 23.90 16.31
N TYR A 14 0.95 23.93 15.26
CA TYR A 14 1.37 22.69 14.62
C TYR A 14 2.33 21.88 15.48
N LYS A 15 3.06 22.57 16.34
CA LYS A 15 3.98 21.90 17.24
C LYS A 15 3.17 21.14 18.30
N TYR A 16 2.10 21.77 18.79
CA TYR A 16 1.23 21.15 19.79
C TYR A 16 0.51 19.98 19.18
N LEU A 17 0.02 20.16 17.95
CA LEU A 17 -0.68 19.08 17.26
C LEU A 17 0.20 17.84 17.25
N ASN A 18 1.46 18.00 16.86
CA ASN A 18 2.36 16.87 16.81
C ASN A 18 2.62 16.34 18.23
N GLN A 19 2.58 17.23 19.21
CA GLN A 19 2.81 16.85 20.60
C GLN A 19 1.64 16.05 21.15
N THR A 20 0.42 16.39 20.72
CA THR A 20 -0.78 15.71 21.21
C THR A 20 -1.17 14.54 20.31
N SER A 21 -0.50 14.41 19.18
CA SER A 21 -0.79 13.34 18.25
C SER A 21 0.50 12.61 17.89
N ARG A 22 0.49 11.30 18.09
CA ARG A 22 1.66 10.48 17.82
C ARG A 22 1.89 10.19 16.35
N SER A 23 0.81 9.99 15.61
CA SER A 23 0.92 9.68 14.19
C SER A 23 -0.10 10.39 13.31
N PHE A 24 -1.24 10.72 13.89
CA PHE A 24 -2.30 11.35 13.14
C PHE A 24 -2.04 12.79 12.68
N ALA A 25 -1.04 13.46 13.25
CA ALA A 25 -0.72 14.84 12.87
C ALA A 25 -0.34 14.90 11.38
N ALA A 26 0.43 13.89 10.95
CA ALA A 26 0.89 13.76 9.58
C ALA A 26 -0.30 13.71 8.63
N VAL A 27 -1.34 13.00 9.03
CA VAL A 27 -2.55 12.87 8.21
C VAL A 27 -3.35 14.17 8.13
N ILE A 28 -3.39 14.90 9.24
CA ILE A 28 -4.11 16.18 9.30
C ILE A 28 -3.37 17.21 8.46
N GLN A 29 -2.06 17.28 8.62
CA GLN A 29 -1.25 18.21 7.84
C GLN A 29 -1.37 17.93 6.34
N ALA A 30 -1.77 16.71 5.99
CA ALA A 30 -1.93 16.32 4.60
C ALA A 30 -3.30 16.71 4.00
N LEU A 31 -4.12 17.42 4.77
CA LEU A 31 -5.44 17.83 4.28
C LEU A 31 -5.32 18.98 3.26
N ASP A 32 -6.24 19.01 2.29
CA ASP A 32 -6.21 20.02 1.23
C ASP A 32 -6.71 21.38 1.69
N GLY A 33 -6.11 22.41 1.09
CA GLY A 33 -6.48 23.78 1.38
C GLY A 33 -6.81 24.18 2.79
N GLU A 34 -7.93 24.87 2.93
CA GLU A 34 -8.41 25.37 4.22
C GLU A 34 -8.73 24.33 5.27
N MET A 35 -8.95 23.09 4.86
CA MET A 35 -9.26 22.02 5.81
C MET A 35 -8.09 21.76 6.74
N ARG A 36 -6.88 21.99 6.25
CA ARG A 36 -5.70 21.75 7.06
C ARG A 36 -5.73 22.57 8.34
N ASN A 37 -5.61 23.90 8.23
CA ASN A 37 -5.63 24.76 9.41
C ASN A 37 -6.92 24.58 10.21
N ALA A 38 -8.05 24.51 9.50
CA ALA A 38 -9.36 24.33 10.13
C ALA A 38 -9.41 23.08 11.00
N VAL A 39 -8.93 21.96 10.46
CA VAL A 39 -8.92 20.70 11.20
C VAL A 39 -7.81 20.68 12.26
N CYS A 40 -6.71 21.38 12.01
CA CYS A 40 -5.61 21.43 12.98
C CYS A 40 -6.12 22.10 14.25
N ILE A 41 -6.77 23.25 14.06
CA ILE A 41 -7.31 24.01 15.17
C ILE A 41 -8.42 23.21 15.87
N PHE A 42 -9.33 22.64 15.07
CA PHE A 42 -10.43 21.85 15.61
C PHE A 42 -9.94 20.77 16.56
N TYR A 43 -8.92 20.05 16.13
CA TYR A 43 -8.33 18.97 16.91
C TYR A 43 -7.75 19.51 18.22
N LEU A 44 -6.99 20.60 18.15
CA LEU A 44 -6.39 21.18 19.34
C LEU A 44 -7.42 21.72 20.35
N VAL A 45 -8.48 22.34 19.84
CA VAL A 45 -9.55 22.86 20.70
C VAL A 45 -10.27 21.68 21.36
N LEU A 46 -10.58 20.66 20.58
CA LEU A 46 -11.25 19.46 21.11
C LEU A 46 -10.34 18.76 22.11
N ARG A 47 -9.03 18.92 21.93
CA ARG A 47 -8.08 18.28 22.83
C ARG A 47 -8.11 19.00 24.17
N ALA A 48 -8.14 20.32 24.15
CA ALA A 48 -8.18 21.11 25.36
C ALA A 48 -9.40 20.72 26.22
N LEU A 49 -10.58 20.72 25.60
CA LEU A 49 -11.81 20.37 26.29
C LEU A 49 -11.73 18.95 26.84
N ASP A 50 -11.19 18.04 26.02
CA ASP A 50 -11.05 16.66 26.45
C ASP A 50 -10.16 16.55 27.68
N THR A 51 -9.05 17.30 27.67
CA THR A 51 -8.11 17.30 28.77
C THR A 51 -8.79 17.76 30.06
N LEU A 52 -9.72 18.71 29.93
CA LEU A 52 -10.45 19.22 31.08
C LEU A 52 -11.36 18.12 31.64
N GLU A 53 -12.18 17.56 30.77
CA GLU A 53 -13.11 16.51 31.16
C GLU A 53 -12.41 15.36 31.87
N ASP A 54 -11.28 14.94 31.31
CA ASP A 54 -10.52 13.85 31.87
C ASP A 54 -9.76 14.16 33.14
N ASP A 55 -9.59 15.44 33.44
CA ASP A 55 -8.83 15.79 34.63
C ASP A 55 -9.59 15.59 35.92
N MET A 56 -9.36 14.44 36.54
CA MET A 56 -10.01 14.10 37.79
C MET A 56 -9.43 14.82 39.00
N THR A 57 -8.38 15.60 38.80
CA THR A 57 -7.81 16.35 39.91
C THR A 57 -8.66 17.61 40.06
N ILE A 58 -9.55 17.83 39.10
CA ILE A 58 -10.45 18.99 39.13
C ILE A 58 -11.79 18.46 39.63
N SER A 59 -12.42 19.20 40.54
CA SER A 59 -13.70 18.79 41.08
C SER A 59 -14.82 19.08 40.08
N VAL A 60 -15.93 18.36 40.18
CA VAL A 60 -17.05 18.58 39.27
C VAL A 60 -17.58 20.00 39.41
N GLU A 61 -17.44 20.56 40.60
CA GLU A 61 -17.89 21.92 40.91
C GLU A 61 -17.17 22.95 40.05
N LYS A 62 -15.88 22.72 39.80
CA LYS A 62 -15.08 23.62 38.98
C LYS A 62 -15.28 23.31 37.49
N LYS A 63 -15.30 22.02 37.16
CA LYS A 63 -15.45 21.57 35.79
C LYS A 63 -16.72 21.97 35.07
N VAL A 64 -17.88 21.86 35.73
CA VAL A 64 -19.13 22.21 35.07
C VAL A 64 -19.11 23.55 34.34
N PRO A 65 -18.76 24.66 35.03
CA PRO A 65 -18.73 25.95 34.35
C PRO A 65 -17.66 26.00 33.26
N LEU A 66 -16.56 25.28 33.47
CA LEU A 66 -15.48 25.23 32.49
C LEU A 66 -15.93 24.51 31.22
N LEU A 67 -16.58 23.37 31.39
CA LEU A 67 -17.07 22.58 30.27
C LEU A 67 -18.14 23.36 29.53
N HIS A 68 -19.03 24.00 30.29
CA HIS A 68 -20.12 24.78 29.72
C HIS A 68 -19.68 26.04 28.98
N ASN A 69 -18.72 26.76 29.55
CA ASN A 69 -18.24 28.00 28.94
C ASN A 69 -17.07 27.88 27.96
N PHE A 70 -16.65 26.66 27.68
CA PHE A 70 -15.54 26.46 26.77
C PHE A 70 -15.72 27.18 25.43
N HIS A 71 -16.89 27.03 24.82
CA HIS A 71 -17.15 27.67 23.54
C HIS A 71 -16.87 29.18 23.58
N SER A 72 -17.30 29.83 24.66
CA SER A 72 -17.08 31.27 24.82
C SER A 72 -15.59 31.58 25.02
N PHE A 73 -14.85 30.62 25.58
CA PHE A 73 -13.40 30.79 25.82
C PHE A 73 -12.63 30.98 24.51
N LEU A 74 -13.18 30.46 23.41
CA LEU A 74 -12.60 30.57 22.08
C LEU A 74 -12.52 32.06 21.71
N TYR A 75 -13.47 32.84 22.21
CA TYR A 75 -13.52 34.25 21.93
C TYR A 75 -12.97 35.13 23.06
N GLN A 76 -12.29 34.51 24.02
CA GLN A 76 -11.70 35.24 25.13
C GLN A 76 -10.19 35.15 24.91
N PRO A 77 -9.60 36.14 24.21
CA PRO A 77 -8.18 36.23 23.88
C PRO A 77 -7.17 35.89 24.97
N ASP A 78 -7.50 36.16 26.23
CA ASP A 78 -6.57 35.88 27.32
C ASP A 78 -6.85 34.60 28.10
N TRP A 79 -8.02 34.01 27.90
CA TRP A 79 -8.37 32.80 28.66
C TRP A 79 -7.38 31.67 28.50
N ARG A 80 -7.02 31.07 29.63
CA ARG A 80 -6.11 29.95 29.67
C ARG A 80 -6.40 29.20 30.97
N PHE A 81 -5.95 27.95 31.07
CA PHE A 81 -6.18 27.18 32.28
C PHE A 81 -4.82 26.68 32.76
N MET A 82 -4.43 27.11 33.96
CA MET A 82 -3.14 26.74 34.53
C MET A 82 -3.12 25.63 35.56
N GLU A 83 -4.30 25.17 35.97
CA GLU A 83 -4.37 24.12 36.99
C GLU A 83 -4.62 22.70 36.49
N SER A 84 -4.18 22.39 35.27
CA SER A 84 -4.38 21.05 34.75
C SER A 84 -3.14 20.20 34.94
N LYS A 85 -3.26 19.14 35.71
CA LYS A 85 -2.15 18.24 35.96
C LYS A 85 -2.22 17.06 35.00
N GLU A 86 -2.67 17.32 33.79
CA GLU A 86 -2.81 16.28 32.78
C GLU A 86 -1.55 16.15 31.93
N LYS A 87 -1.58 15.27 30.95
CA LYS A 87 -0.43 15.09 30.07
C LYS A 87 -0.37 16.25 29.06
N ASP A 88 -1.52 16.63 28.52
CA ASP A 88 -1.58 17.70 27.54
C ASP A 88 -1.93 19.07 28.13
N ARG A 89 -1.22 19.42 29.19
CA ARG A 89 -1.41 20.69 29.88
C ARG A 89 -1.25 21.91 28.98
N GLN A 90 -0.13 21.95 28.26
CA GLN A 90 0.21 23.08 27.39
C GLN A 90 -0.88 23.59 26.48
N VAL A 91 -1.75 22.69 26.02
CA VAL A 91 -2.86 23.09 25.15
C VAL A 91 -3.80 24.04 25.92
N LEU A 92 -3.93 23.81 27.23
CA LEU A 92 -4.77 24.65 28.08
C LEU A 92 -4.01 25.90 28.48
N GLU A 93 -2.78 25.68 28.98
CA GLU A 93 -1.92 26.75 29.43
C GLU A 93 -1.63 27.81 28.40
N ASP A 94 -1.53 27.42 27.14
CA ASP A 94 -1.25 28.37 26.07
C ASP A 94 -2.43 28.52 25.13
N PHE A 95 -3.63 28.27 25.67
CA PHE A 95 -4.85 28.34 24.87
C PHE A 95 -5.03 29.61 24.05
N PRO A 96 -4.56 30.77 24.55
CA PRO A 96 -4.74 31.99 23.75
C PRO A 96 -4.13 31.87 22.35
N THR A 97 -3.04 31.12 22.24
CA THR A 97 -2.39 30.91 20.95
C THR A 97 -3.33 30.15 20.01
N ILE A 98 -3.99 29.13 20.55
CA ILE A 98 -4.90 28.32 19.77
C ILE A 98 -6.18 29.10 19.43
N SER A 99 -6.69 29.87 20.39
CA SER A 99 -7.90 30.65 20.15
C SER A 99 -7.61 31.77 19.13
N LEU A 100 -6.38 32.26 19.15
CA LEU A 100 -5.98 33.30 18.22
C LEU A 100 -6.16 32.73 16.82
N GLU A 101 -5.52 31.60 16.55
CA GLU A 101 -5.62 30.95 15.26
C GLU A 101 -7.05 30.49 14.93
N PHE A 102 -7.85 30.22 15.96
CA PHE A 102 -9.24 29.83 15.75
C PHE A 102 -10.02 31.05 15.21
N ARG A 103 -9.71 32.23 15.71
CA ARG A 103 -10.39 33.43 15.25
C ARG A 103 -9.91 33.85 13.85
N ASN A 104 -8.77 33.30 13.42
CA ASN A 104 -8.23 33.57 12.10
C ASN A 104 -8.87 32.69 11.04
N LEU A 105 -9.57 31.66 11.48
CA LEU A 105 -10.23 30.76 10.53
C LEU A 105 -11.39 31.48 9.88
N ALA A 106 -11.81 30.99 8.72
CA ALA A 106 -12.94 31.60 8.03
C ALA A 106 -14.14 31.46 8.96
N GLU A 107 -14.96 32.51 9.03
CA GLU A 107 -16.14 32.49 9.89
C GLU A 107 -17.05 31.29 9.67
N LYS A 108 -17.11 30.77 8.44
CA LYS A 108 -17.96 29.61 8.16
C LYS A 108 -17.46 28.39 8.94
N TYR A 109 -16.16 28.35 9.21
CA TYR A 109 -15.57 27.27 9.98
C TYR A 109 -15.78 27.52 11.47
N GLN A 110 -15.52 28.75 11.91
CA GLN A 110 -15.71 29.13 13.31
C GLN A 110 -17.11 28.76 13.78
N THR A 111 -18.11 29.12 12.98
CA THR A 111 -19.51 28.84 13.29
C THR A 111 -19.68 27.36 13.63
N VAL A 112 -19.13 26.50 12.80
CA VAL A 112 -19.21 25.06 13.01
C VAL A 112 -18.51 24.57 14.28
N ILE A 113 -17.26 24.97 14.46
CA ILE A 113 -16.47 24.57 15.61
C ILE A 113 -17.07 25.03 16.95
N ALA A 114 -17.48 26.30 17.01
CA ALA A 114 -18.08 26.85 18.22
C ALA A 114 -19.35 26.09 18.62
N ASP A 115 -20.19 25.78 17.65
CA ASP A 115 -21.41 25.06 17.93
C ASP A 115 -21.16 23.67 18.51
N ILE A 116 -20.18 22.95 17.97
CA ILE A 116 -19.87 21.63 18.48
C ILE A 116 -19.32 21.72 19.90
N CYS A 117 -18.46 22.70 20.14
CA CYS A 117 -17.88 22.89 21.47
C CYS A 117 -18.92 23.22 22.54
N ARG A 118 -19.90 24.03 22.19
CA ARG A 118 -20.96 24.39 23.12
C ARG A 118 -21.77 23.13 23.44
N ARG A 119 -22.23 22.46 22.39
CA ARG A 119 -23.01 21.26 22.57
C ARG A 119 -22.25 20.15 23.30
N MET A 120 -20.96 20.05 23.01
CA MET A 120 -20.11 19.05 23.64
C MET A 120 -19.98 19.38 25.12
N GLY A 121 -19.80 20.66 25.42
CA GLY A 121 -19.66 21.11 26.80
C GLY A 121 -20.87 20.71 27.63
N ILE A 122 -22.06 21.05 27.15
CA ILE A 122 -23.30 20.69 27.83
C ILE A 122 -23.25 19.17 28.07
N GLY A 123 -22.88 18.43 27.03
CA GLY A 123 -22.80 16.97 27.11
C GLY A 123 -21.82 16.42 28.10
N MET A 124 -20.62 16.99 28.17
CA MET A 124 -19.59 16.53 29.10
C MET A 124 -20.10 16.71 30.53
N ALA A 125 -20.65 17.88 30.81
CA ALA A 125 -21.19 18.19 32.13
C ALA A 125 -22.31 17.24 32.51
N GLU A 126 -23.22 17.01 31.57
CA GLU A 126 -24.34 16.11 31.79
C GLU A 126 -23.92 14.74 32.32
N PHE A 127 -22.87 14.16 31.73
CA PHE A 127 -22.42 12.84 32.13
C PHE A 127 -21.28 12.80 33.15
N LEU A 128 -20.81 13.97 33.56
CA LEU A 128 -19.72 14.06 34.53
C LEU A 128 -20.01 13.44 35.90
N ASP A 129 -21.19 13.69 36.45
CA ASP A 129 -21.52 13.16 37.76
C ASP A 129 -22.64 12.11 37.78
N LYS A 130 -22.85 11.46 36.65
CA LYS A 130 -23.88 10.44 36.58
C LYS A 130 -23.34 9.24 35.81
N HIS A 131 -23.94 8.09 36.06
CA HIS A 131 -23.55 6.85 35.41
C HIS A 131 -24.12 6.82 34.00
N VAL A 132 -23.39 6.19 33.09
CA VAL A 132 -23.91 5.98 31.75
C VAL A 132 -24.78 4.77 32.12
N THR A 133 -26.08 4.89 31.94
CA THR A 133 -26.99 3.82 32.31
C THR A 133 -27.28 2.82 31.21
N SER A 134 -28.22 3.16 30.34
CA SER A 134 -28.61 2.29 29.25
C SER A 134 -27.64 2.39 28.09
N GLU A 135 -27.73 1.44 27.15
CA GLU A 135 -26.88 1.47 25.98
C GLU A 135 -27.27 2.73 25.19
N GLN A 136 -28.53 3.13 25.33
CA GLN A 136 -29.05 4.31 24.65
C GLN A 136 -28.33 5.55 25.17
N GLU A 137 -28.05 5.54 26.47
CA GLU A 137 -27.34 6.63 27.11
C GLU A 137 -25.85 6.58 26.74
N TRP A 138 -25.37 5.40 26.38
CA TRP A 138 -23.98 5.24 25.99
C TRP A 138 -23.83 5.94 24.64
N ASP A 139 -24.82 5.74 23.77
CA ASP A 139 -24.84 6.39 22.46
C ASP A 139 -24.90 7.89 22.68
N LYS A 140 -25.73 8.30 23.65
CA LYS A 140 -25.90 9.70 23.98
C LYS A 140 -24.55 10.33 24.37
N TYR A 141 -23.82 9.69 25.28
CA TYR A 141 -22.52 10.21 25.69
C TYR A 141 -21.56 10.26 24.51
N CYS A 142 -21.46 9.12 23.81
CA CYS A 142 -20.59 8.98 22.65
C CYS A 142 -20.92 10.03 21.60
N HIS A 143 -22.21 10.31 21.45
CA HIS A 143 -22.64 11.34 20.51
C HIS A 143 -22.03 12.67 20.92
N TYR A 144 -22.16 13.00 22.20
CA TYR A 144 -21.64 14.25 22.74
C TYR A 144 -20.15 14.48 22.56
N VAL A 145 -19.35 13.44 22.76
CA VAL A 145 -17.90 13.61 22.67
C VAL A 145 -17.20 13.14 21.39
N ALA A 146 -17.90 12.39 20.54
CA ALA A 146 -17.29 11.89 19.32
C ALA A 146 -18.24 12.03 18.15
N GLY A 147 -19.53 11.80 18.39
CA GLY A 147 -20.51 11.93 17.31
C GLY A 147 -20.48 13.35 16.77
N LEU A 148 -20.58 14.32 17.68
CA LEU A 148 -20.56 15.73 17.32
C LEU A 148 -19.28 16.09 16.58
N VAL A 149 -18.19 15.39 16.88
CA VAL A 149 -16.92 15.66 16.20
C VAL A 149 -17.06 15.24 14.74
N GLY A 150 -17.77 14.12 14.51
CA GLY A 150 -18.00 13.65 13.17
C GLY A 150 -18.89 14.64 12.45
N ILE A 151 -19.92 15.11 13.17
CA ILE A 151 -20.85 16.08 12.61
C ILE A 151 -20.10 17.36 12.26
N GLY A 152 -19.23 17.79 13.16
CA GLY A 152 -18.45 19.00 12.93
C GLY A 152 -17.55 18.89 11.71
N LEU A 153 -16.74 17.85 11.70
CA LEU A 153 -15.83 17.60 10.59
C LEU A 153 -16.61 17.58 9.29
N SER A 154 -17.67 16.79 9.23
CA SER A 154 -18.49 16.70 8.02
C SER A 154 -18.92 18.05 7.51
N ARG A 155 -19.35 18.91 8.44
CA ARG A 155 -19.80 20.25 8.09
C ARG A 155 -18.63 21.10 7.58
N LEU A 156 -17.44 20.90 8.16
CA LEU A 156 -16.26 21.63 7.73
C LEU A 156 -15.89 21.19 6.31
N PHE A 157 -16.01 19.90 6.05
CA PHE A 157 -15.69 19.36 4.74
C PHE A 157 -16.55 20.01 3.68
N SER A 158 -17.85 20.07 3.93
CA SER A 158 -18.79 20.67 2.99
C SER A 158 -18.58 22.18 2.85
N ALA A 159 -18.25 22.84 3.95
CA ALA A 159 -18.04 24.28 3.92
C ALA A 159 -16.82 24.68 3.09
N SER A 160 -15.84 23.79 3.00
CA SER A 160 -14.64 24.09 2.22
C SER A 160 -14.93 23.78 0.76
N GLU A 161 -15.96 22.97 0.54
CA GLU A 161 -16.42 22.54 -0.76
C GLU A 161 -15.62 21.41 -1.37
N PHE A 162 -14.68 20.85 -0.60
CA PHE A 162 -13.89 19.72 -1.05
C PHE A 162 -14.78 18.49 -1.04
N GLU A 163 -15.87 18.58 -0.27
CA GLU A 163 -16.82 17.49 -0.17
C GLU A 163 -18.21 18.04 -0.43
N ASP A 164 -19.03 17.21 -1.08
CA ASP A 164 -20.41 17.54 -1.43
C ASP A 164 -21.18 18.00 -0.20
N PRO A 165 -22.20 18.85 -0.40
CA PRO A 165 -23.02 19.34 0.74
C PRO A 165 -23.69 18.20 1.52
N LEU A 166 -23.92 17.09 0.83
CA LEU A 166 -24.54 15.91 1.42
C LEU A 166 -23.79 15.46 2.67
N VAL A 167 -22.46 15.48 2.58
CA VAL A 167 -21.61 15.04 3.69
C VAL A 167 -21.95 15.72 5.02
N GLY A 168 -22.16 17.03 4.97
CA GLY A 168 -22.48 17.76 6.16
C GLY A 168 -23.92 17.56 6.58
N GLU A 169 -24.77 17.20 5.63
CA GLU A 169 -26.19 17.00 5.88
C GLU A 169 -26.55 15.72 6.62
N ASP A 170 -25.88 14.62 6.28
CA ASP A 170 -26.18 13.35 6.91
C ASP A 170 -25.53 13.23 8.29
N THR A 171 -26.13 13.88 9.27
CA THR A 171 -25.62 13.87 10.65
C THR A 171 -25.65 12.46 11.24
N GLU A 172 -26.64 11.67 10.81
CA GLU A 172 -26.77 10.29 11.27
C GLU A 172 -25.50 9.50 10.93
N ARG A 173 -25.04 9.65 9.68
CA ARG A 173 -23.84 8.96 9.20
C ARG A 173 -22.58 9.46 9.91
N ALA A 174 -22.44 10.78 9.98
CA ALA A 174 -21.29 11.41 10.63
C ALA A 174 -21.24 11.03 12.11
N ASN A 175 -22.41 10.93 12.74
CA ASN A 175 -22.51 10.58 14.14
C ASN A 175 -22.02 9.16 14.38
N SER A 176 -22.47 8.23 13.53
CA SER A 176 -22.08 6.82 13.62
C SER A 176 -20.57 6.66 13.55
N MET A 177 -19.93 7.45 12.69
CA MET A 177 -18.48 7.43 12.55
C MET A 177 -17.87 7.68 13.93
N GLY A 178 -18.36 8.72 14.60
CA GLY A 178 -17.87 9.08 15.93
C GLY A 178 -18.14 8.06 17.00
N LEU A 179 -19.35 7.48 17.00
CA LEU A 179 -19.72 6.47 17.98
C LEU A 179 -18.84 5.26 17.85
N PHE A 180 -18.49 4.90 16.61
CA PHE A 180 -17.66 3.73 16.41
C PHE A 180 -16.30 3.91 17.06
N LEU A 181 -15.65 5.03 16.77
CA LEU A 181 -14.36 5.31 17.37
C LEU A 181 -14.41 5.44 18.89
N GLN A 182 -15.38 6.19 19.40
CA GLN A 182 -15.51 6.42 20.83
C GLN A 182 -15.73 5.15 21.63
N LYS A 183 -16.64 4.31 21.17
CA LYS A 183 -16.90 3.08 21.88
C LYS A 183 -15.67 2.18 21.89
N THR A 184 -15.00 2.01 20.76
CA THR A 184 -13.81 1.14 20.76
C THR A 184 -12.77 1.66 21.76
N ASN A 185 -12.62 2.98 21.86
CA ASN A 185 -11.68 3.57 22.81
C ASN A 185 -12.10 3.32 24.28
N ILE A 186 -13.38 3.51 24.57
CA ILE A 186 -13.90 3.28 25.92
C ILE A 186 -13.73 1.81 26.31
N ILE A 187 -13.94 0.92 25.36
CA ILE A 187 -13.78 -0.50 25.59
C ILE A 187 -12.29 -0.81 25.85
N ARG A 188 -11.43 -0.39 24.92
CA ARG A 188 -9.99 -0.62 25.01
C ARG A 188 -9.36 0.00 26.25
N ASP A 189 -9.78 1.23 26.58
CA ASP A 189 -9.24 1.96 27.72
C ASP A 189 -9.83 1.70 29.10
N TYR A 190 -10.58 0.61 29.27
CA TYR A 190 -11.20 0.29 30.55
C TYR A 190 -10.25 0.44 31.77
N LEU A 191 -9.15 -0.30 31.78
CA LEU A 191 -8.19 -0.27 32.89
C LEU A 191 -7.61 1.11 33.13
N GLU A 192 -7.16 1.74 32.05
CA GLU A 192 -6.57 3.08 32.13
C GLU A 192 -7.54 4.05 32.79
N ASP A 193 -8.82 3.96 32.42
CA ASP A 193 -9.85 4.82 32.99
C ASP A 193 -10.07 4.51 34.47
N GLN A 194 -10.16 3.21 34.82
CA GLN A 194 -10.33 2.80 36.21
C GLN A 194 -9.22 3.45 37.03
N GLN A 195 -8.00 3.26 36.56
CA GLN A 195 -6.82 3.81 37.21
C GLN A 195 -6.84 5.33 37.25
N GLY A 196 -7.56 5.93 36.31
CA GLY A 196 -7.66 7.37 36.25
C GLY A 196 -8.91 7.88 36.97
N GLY A 197 -9.68 6.96 37.52
CA GLY A 197 -10.89 7.35 38.23
C GLY A 197 -12.02 7.76 37.28
N ARG A 198 -12.10 7.09 36.14
CA ARG A 198 -13.13 7.38 35.15
C ARG A 198 -13.89 6.11 34.79
N GLU A 199 -15.20 6.24 34.63
CA GLU A 199 -16.04 5.12 34.26
C GLU A 199 -16.97 5.58 33.14
N PHE A 200 -17.07 4.76 32.09
CA PHE A 200 -17.91 5.09 30.95
C PHE A 200 -18.72 3.92 30.43
N TRP A 201 -18.46 2.71 30.93
CA TRP A 201 -19.21 1.54 30.46
C TRP A 201 -20.65 1.64 30.97
N PRO A 202 -21.63 1.21 30.15
CA PRO A 202 -23.06 1.22 30.46
C PRO A 202 -23.42 0.34 31.64
N GLN A 203 -23.96 0.95 32.69
CA GLN A 203 -24.34 0.25 33.90
C GLN A 203 -25.34 -0.88 33.62
N GLU A 204 -26.37 -0.60 32.84
CA GLU A 204 -27.37 -1.62 32.52
C GLU A 204 -26.73 -2.88 31.91
N VAL A 205 -25.54 -2.74 31.35
CA VAL A 205 -24.85 -3.89 30.79
C VAL A 205 -23.93 -4.52 31.85
N TRP A 206 -23.06 -3.72 32.47
CA TRP A 206 -22.15 -4.27 33.47
C TRP A 206 -22.79 -4.77 34.77
N SER A 207 -23.92 -4.19 35.18
CA SER A 207 -24.59 -4.62 36.41
C SER A 207 -25.16 -6.03 36.27
N ARG A 208 -25.22 -6.52 35.03
CA ARG A 208 -25.72 -7.87 34.79
C ARG A 208 -24.60 -8.90 34.87
N TYR A 209 -23.38 -8.42 35.10
CA TYR A 209 -22.22 -9.31 35.20
C TYR A 209 -21.55 -9.18 36.54
N VAL A 210 -21.40 -7.94 36.98
CA VAL A 210 -20.67 -7.70 38.21
C VAL A 210 -21.30 -6.60 39.06
N LYS A 211 -20.90 -6.52 40.33
CA LYS A 211 -21.42 -5.56 41.31
C LYS A 211 -21.00 -4.10 41.09
N LYS A 212 -19.74 -3.88 40.78
CA LYS A 212 -19.21 -2.53 40.52
C LYS A 212 -18.39 -2.65 39.25
N LEU A 213 -18.35 -1.60 38.43
CA LEU A 213 -17.57 -1.64 37.20
C LEU A 213 -16.14 -2.03 37.49
N GLY A 214 -15.56 -1.44 38.53
CA GLY A 214 -14.18 -1.76 38.90
C GLY A 214 -13.90 -3.23 39.15
N ASP A 215 -14.95 -4.03 39.37
CA ASP A 215 -14.75 -5.45 39.64
C ASP A 215 -14.12 -6.20 38.49
N PHE A 216 -14.20 -5.65 37.28
CA PHE A 216 -13.61 -6.29 36.10
C PHE A 216 -12.09 -6.26 36.22
N ALA A 217 -11.58 -5.26 36.92
CA ALA A 217 -10.14 -5.14 37.12
C ALA A 217 -9.60 -6.18 38.12
N LYS A 218 -10.51 -6.83 38.86
CA LYS A 218 -10.13 -7.86 39.82
C LYS A 218 -10.03 -9.20 39.08
N PRO A 219 -8.88 -9.88 39.21
CA PRO A 219 -8.53 -11.17 38.60
C PRO A 219 -9.62 -12.23 38.61
N GLU A 220 -10.21 -12.44 39.79
CA GLU A 220 -11.23 -13.45 39.99
C GLU A 220 -12.45 -13.30 39.09
N ASN A 221 -12.68 -12.09 38.59
CA ASN A 221 -13.84 -11.83 37.75
C ASN A 221 -13.52 -11.74 36.25
N ILE A 222 -12.43 -12.34 35.83
CA ILE A 222 -12.05 -12.28 34.42
C ILE A 222 -13.08 -12.86 33.44
N ASP A 223 -13.69 -14.00 33.78
CA ASP A 223 -14.66 -14.62 32.87
C ASP A 223 -15.85 -13.72 32.56
N LEU A 224 -16.40 -13.10 33.60
CA LEU A 224 -17.54 -12.19 33.47
C LEU A 224 -17.11 -10.90 32.76
N ALA A 225 -15.86 -10.51 32.98
CA ALA A 225 -15.29 -9.32 32.37
C ALA A 225 -15.27 -9.52 30.86
N VAL A 226 -14.77 -10.67 30.42
CA VAL A 226 -14.68 -10.97 29.00
C VAL A 226 -16.06 -11.04 28.33
N GLN A 227 -17.02 -11.68 28.99
CA GLN A 227 -18.37 -11.76 28.44
C GLN A 227 -18.93 -10.35 28.20
N CYS A 228 -18.82 -9.47 29.20
CA CYS A 228 -19.33 -8.10 29.06
C CYS A 228 -18.57 -7.40 27.95
N LEU A 229 -17.26 -7.59 27.92
CA LEU A 229 -16.41 -7.01 26.89
C LEU A 229 -16.98 -7.39 25.53
N ASN A 230 -17.19 -8.69 25.35
CA ASN A 230 -17.72 -9.24 24.11
C ASN A 230 -19.06 -8.62 23.74
N GLU A 231 -19.89 -8.39 24.74
CA GLU A 231 -21.20 -7.79 24.50
C GLU A 231 -21.09 -6.32 24.04
N LEU A 232 -20.15 -5.59 24.61
CA LEU A 232 -19.95 -4.19 24.25
C LEU A 232 -19.40 -4.07 22.83
N ILE A 233 -18.49 -4.98 22.48
CA ILE A 233 -17.91 -4.99 21.14
C ILE A 233 -18.99 -5.28 20.10
N THR A 234 -19.86 -6.24 20.40
CA THR A 234 -20.95 -6.60 19.49
C THR A 234 -21.84 -5.38 19.28
N ASN A 235 -21.99 -4.60 20.33
CA ASN A 235 -22.78 -3.39 20.31
C ASN A 235 -22.10 -2.45 19.31
N ALA A 236 -20.79 -2.31 19.43
CA ALA A 236 -19.99 -1.43 18.57
C ALA A 236 -20.05 -1.77 17.09
N LEU A 237 -20.01 -3.06 16.77
CA LEU A 237 -20.05 -3.50 15.37
C LEU A 237 -21.22 -2.94 14.59
N HIS A 238 -22.33 -2.64 15.28
CA HIS A 238 -23.51 -2.12 14.61
C HIS A 238 -23.35 -0.82 13.86
N HIS A 239 -22.23 -0.12 14.07
CA HIS A 239 -21.99 1.15 13.37
C HIS A 239 -21.23 0.96 12.06
N ILE A 240 -20.71 -0.24 11.81
CA ILE A 240 -19.95 -0.52 10.59
C ILE A 240 -20.67 -0.10 9.30
N PRO A 241 -21.93 -0.54 9.10
CA PRO A 241 -22.64 -0.16 7.88
C PRO A 241 -22.64 1.33 7.64
N ASP A 242 -22.92 2.12 8.68
CA ASP A 242 -22.93 3.56 8.51
C ASP A 242 -21.53 4.10 8.21
N VAL A 243 -20.51 3.49 8.80
CA VAL A 243 -19.13 3.91 8.56
C VAL A 243 -18.75 3.63 7.09
N ILE A 244 -19.17 2.49 6.55
CA ILE A 244 -18.91 2.14 5.16
C ILE A 244 -19.67 3.11 4.26
N THR A 245 -20.90 3.42 4.63
CA THR A 245 -21.72 4.35 3.86
C THR A 245 -21.09 5.75 3.84
N TYR A 246 -20.71 6.24 5.02
CA TYR A 246 -20.10 7.55 5.12
C TYR A 246 -18.82 7.64 4.28
N LEU A 247 -17.97 6.63 4.41
CA LEU A 247 -16.72 6.59 3.69
C LEU A 247 -16.88 6.49 2.17
N SER A 248 -17.88 5.73 1.73
CA SER A 248 -18.11 5.53 0.30
C SER A 248 -18.58 6.79 -0.44
N ARG A 249 -19.02 7.80 0.31
CA ARG A 249 -19.49 9.05 -0.26
C ARG A 249 -18.43 10.14 -0.40
N LEU A 250 -17.27 9.93 0.23
CA LEU A 250 -16.18 10.92 0.18
C LEU A 250 -15.55 10.97 -1.21
N ARG A 251 -15.25 12.18 -1.65
CA ARG A 251 -14.66 12.39 -2.97
C ARG A 251 -13.24 12.93 -2.93
N ASN A 252 -12.90 13.66 -1.89
CA ASN A 252 -11.56 14.20 -1.74
C ASN A 252 -10.61 13.17 -1.14
N GLN A 253 -9.48 12.95 -1.79
CA GLN A 253 -8.49 11.97 -1.34
C GLN A 253 -7.89 12.21 0.05
N SER A 254 -7.52 13.46 0.35
CA SER A 254 -6.95 13.76 1.66
C SER A 254 -8.00 13.56 2.76
N VAL A 255 -9.27 13.86 2.43
CA VAL A 255 -10.36 13.67 3.37
C VAL A 255 -10.61 12.18 3.59
N PHE A 256 -10.56 11.41 2.51
CA PHE A 256 -10.77 9.97 2.63
C PHE A 256 -9.75 9.34 3.55
N ASN A 257 -8.47 9.63 3.34
CA ASN A 257 -7.39 9.09 4.16
C ASN A 257 -7.58 9.52 5.60
N PHE A 258 -7.98 10.77 5.76
CA PHE A 258 -8.21 11.35 7.08
C PHE A 258 -9.27 10.55 7.86
N CYS A 259 -10.40 10.29 7.21
CA CYS A 259 -11.48 9.57 7.86
C CYS A 259 -11.30 8.06 7.93
N ALA A 260 -10.80 7.47 6.86
CA ALA A 260 -10.62 6.01 6.80
C ALA A 260 -9.60 5.42 7.76
N ILE A 261 -8.50 6.14 7.97
CA ILE A 261 -7.46 5.64 8.84
C ILE A 261 -7.95 5.28 10.24
N PRO A 262 -8.58 6.23 10.96
CA PRO A 262 -9.08 5.93 12.31
C PRO A 262 -10.10 4.79 12.35
N GLN A 263 -10.98 4.73 11.36
CA GLN A 263 -12.01 3.69 11.31
C GLN A 263 -11.39 2.30 11.09
N VAL A 264 -10.30 2.24 10.35
CA VAL A 264 -9.63 0.96 10.11
C VAL A 264 -8.87 0.52 11.37
N MET A 265 -8.23 1.50 12.02
CA MET A 265 -7.47 1.27 13.24
C MET A 265 -8.43 0.85 14.35
N ALA A 266 -9.65 1.38 14.31
CA ALA A 266 -10.66 1.06 15.30
C ALA A 266 -11.06 -0.40 15.20
N ILE A 267 -11.47 -0.84 14.00
CA ILE A 267 -11.89 -2.23 13.81
C ILE A 267 -10.75 -3.18 14.12
N ALA A 268 -9.51 -2.76 13.85
CA ALA A 268 -8.35 -3.59 14.14
C ALA A 268 -8.28 -3.77 15.67
N THR A 269 -8.51 -2.67 16.39
CA THR A 269 -8.49 -2.67 17.83
C THR A 269 -9.58 -3.60 18.37
N LEU A 270 -10.82 -3.45 17.90
CA LEU A 270 -11.90 -4.31 18.34
C LEU A 270 -11.55 -5.77 18.11
N ALA A 271 -10.99 -6.06 16.93
CA ALA A 271 -10.59 -7.42 16.59
C ALA A 271 -9.53 -7.94 17.55
N ALA A 272 -8.64 -7.07 18.00
CA ALA A 272 -7.59 -7.49 18.91
C ALA A 272 -8.15 -7.69 20.33
N CYS A 273 -9.06 -6.80 20.73
CA CYS A 273 -9.67 -6.82 22.05
C CYS A 273 -10.74 -7.89 22.26
N TYR A 274 -11.37 -8.33 21.17
CA TYR A 274 -12.44 -9.31 21.25
C TYR A 274 -12.10 -10.60 21.99
N ASN A 275 -12.86 -10.91 23.05
CA ASN A 275 -12.66 -12.13 23.84
C ASN A 275 -11.23 -12.21 24.35
N ASN A 276 -10.64 -11.04 24.58
CA ASN A 276 -9.25 -10.95 25.02
C ASN A 276 -9.15 -10.55 26.49
N GLN A 277 -8.73 -11.49 27.34
CA GLN A 277 -8.59 -11.21 28.76
C GLN A 277 -7.60 -10.07 29.06
N GLN A 278 -6.60 -9.91 28.19
CA GLN A 278 -5.59 -8.88 28.39
C GLN A 278 -6.14 -7.46 28.46
N VAL A 279 -7.35 -7.26 27.98
CA VAL A 279 -7.99 -5.95 28.03
C VAL A 279 -8.13 -5.47 29.47
N PHE A 280 -8.28 -6.41 30.39
CA PHE A 280 -8.44 -6.05 31.80
C PHE A 280 -7.16 -6.04 32.63
N LYS A 281 -6.06 -6.45 32.02
CA LYS A 281 -4.78 -6.46 32.70
C LYS A 281 -3.91 -5.31 32.23
N GLY A 282 -4.22 -4.76 31.06
CA GLY A 282 -3.45 -3.65 30.53
C GLY A 282 -3.90 -3.21 29.15
N ALA A 283 -3.01 -2.53 28.44
CA ALA A 283 -3.27 -2.05 27.09
C ALA A 283 -2.92 -3.17 26.10
N VAL A 284 -3.84 -3.48 25.19
CA VAL A 284 -3.64 -4.54 24.22
C VAL A 284 -2.93 -4.08 22.94
N LYS A 285 -1.86 -4.78 22.56
CA LYS A 285 -1.13 -4.43 21.34
C LYS A 285 -1.80 -5.06 20.13
N ILE A 286 -1.80 -4.33 19.02
CA ILE A 286 -2.43 -4.78 17.78
C ILE A 286 -1.43 -5.32 16.77
N ASP A 297 -2.95 0.70 2.98
CA ASP A 297 -3.98 0.21 2.02
C ASP A 297 -5.28 0.98 2.10
N ALA A 298 -5.50 1.69 3.21
CA ALA A 298 -6.75 2.43 3.40
C ALA A 298 -6.88 3.71 2.54
N THR A 299 -6.52 3.60 1.26
CA THR A 299 -6.57 4.75 0.37
C THR A 299 -7.67 4.74 -0.70
N ASN A 300 -8.43 3.65 -0.78
CA ASN A 300 -9.55 3.56 -1.72
C ASN A 300 -10.64 2.73 -1.05
N MET A 301 -11.90 3.08 -1.32
CA MET A 301 -13.04 2.37 -0.73
C MET A 301 -13.05 0.85 -0.84
N PRO A 302 -12.80 0.28 -2.04
CA PRO A 302 -12.81 -1.18 -2.15
C PRO A 302 -11.78 -1.83 -1.23
N ALA A 303 -10.59 -1.23 -1.13
CA ALA A 303 -9.55 -1.75 -0.25
C ALA A 303 -10.02 -1.64 1.21
N VAL A 304 -10.54 -0.47 1.58
CA VAL A 304 -11.03 -0.23 2.94
C VAL A 304 -12.08 -1.29 3.31
N LYS A 305 -13.03 -1.55 2.42
CA LYS A 305 -14.07 -2.54 2.68
C LYS A 305 -13.45 -3.92 2.94
N ALA A 306 -12.47 -4.29 2.12
CA ALA A 306 -11.81 -5.57 2.28
C ALA A 306 -11.13 -5.64 3.64
N ILE A 307 -10.45 -4.57 4.02
CA ILE A 307 -9.75 -4.51 5.31
C ILE A 307 -10.76 -4.76 6.43
N ILE A 308 -11.85 -4.00 6.41
CA ILE A 308 -12.90 -4.14 7.41
C ILE A 308 -13.45 -5.56 7.44
N TYR A 309 -13.77 -6.10 6.27
CA TYR A 309 -14.32 -7.45 6.18
C TYR A 309 -13.39 -8.51 6.75
N GLN A 310 -12.09 -8.37 6.47
CA GLN A 310 -11.14 -9.34 6.98
C GLN A 310 -11.14 -9.32 8.50
N TYR A 311 -11.12 -8.12 9.08
CA TYR A 311 -11.14 -7.96 10.54
C TYR A 311 -12.40 -8.53 11.17
N MET A 312 -13.54 -8.34 10.51
CA MET A 312 -14.82 -8.86 10.99
C MET A 312 -14.75 -10.39 11.07
N GLU A 313 -14.03 -11.00 10.14
CA GLU A 313 -13.90 -12.45 10.13
C GLU A 313 -13.02 -12.93 11.26
N GLU A 314 -12.00 -12.14 11.59
CA GLU A 314 -11.09 -12.44 12.68
C GLU A 314 -11.92 -12.57 13.97
N ILE A 315 -12.84 -11.63 14.15
CA ILE A 315 -13.71 -11.64 15.32
C ILE A 315 -14.63 -12.86 15.24
N TYR A 316 -15.28 -13.04 14.10
CA TYR A 316 -16.20 -14.15 13.89
C TYR A 316 -15.60 -15.48 14.30
N HIS A 317 -14.43 -15.81 13.76
CA HIS A 317 -13.78 -17.08 14.10
C HIS A 317 -13.59 -17.25 15.59
N ARG A 318 -13.32 -16.16 16.30
CA ARG A 318 -13.11 -16.21 17.73
C ARG A 318 -14.38 -16.34 18.58
N ILE A 319 -15.54 -16.23 17.96
CA ILE A 319 -16.79 -16.29 18.71
C ILE A 319 -16.97 -17.59 19.48
N PRO A 320 -16.94 -17.52 20.84
CA PRO A 320 -17.11 -18.70 21.70
C PRO A 320 -18.58 -19.05 21.69
N ASP A 321 -18.92 -20.23 21.20
CA ASP A 321 -20.33 -20.65 21.14
C ASP A 321 -21.07 -20.57 22.48
N SER A 322 -20.32 -20.50 23.58
CA SER A 322 -20.88 -20.42 24.91
C SER A 322 -21.01 -18.99 25.43
N ASP A 323 -20.55 -18.03 24.64
CA ASP A 323 -20.61 -16.63 25.05
C ASP A 323 -22.05 -16.13 24.99
N PRO A 324 -22.51 -15.43 26.04
CA PRO A 324 -23.88 -14.90 26.09
C PRO A 324 -24.30 -14.15 24.83
N SER A 325 -23.32 -13.54 24.15
CA SER A 325 -23.64 -12.77 22.96
C SER A 325 -23.35 -13.46 21.62
N SER A 326 -22.86 -14.70 21.66
CA SER A 326 -22.52 -15.46 20.46
C SER A 326 -23.44 -15.27 19.27
N SER A 327 -24.74 -15.47 19.47
CA SER A 327 -25.72 -15.32 18.42
C SER A 327 -25.78 -13.88 17.89
N LYS A 328 -25.74 -12.91 18.81
CA LYS A 328 -25.79 -11.50 18.44
C LYS A 328 -24.57 -11.13 17.58
N THR A 329 -23.38 -11.45 18.08
CA THR A 329 -22.15 -11.13 17.36
C THR A 329 -22.19 -11.73 15.95
N ARG A 330 -22.62 -12.99 15.84
CA ARG A 330 -22.71 -13.65 14.55
C ARG A 330 -23.69 -12.95 13.61
N GLN A 331 -24.84 -12.56 14.14
CA GLN A 331 -25.83 -11.90 13.31
C GLN A 331 -25.42 -10.55 12.76
N ILE A 332 -24.74 -9.72 13.56
CA ILE A 332 -24.32 -8.42 13.04
C ILE A 332 -23.23 -8.64 12.00
N ILE A 333 -22.41 -9.66 12.20
CA ILE A 333 -21.35 -9.96 11.26
C ILE A 333 -21.93 -10.43 9.93
N SER A 334 -22.97 -11.26 9.99
CA SER A 334 -23.63 -11.74 8.78
C SER A 334 -24.25 -10.56 8.05
N THR A 335 -24.77 -9.60 8.82
CA THR A 335 -25.36 -8.42 8.24
C THR A 335 -24.32 -7.62 7.47
N ILE A 336 -23.18 -7.36 8.11
CA ILE A 336 -22.09 -6.62 7.46
C ILE A 336 -21.63 -7.36 6.20
N ARG A 337 -21.52 -8.68 6.31
CA ARG A 337 -21.08 -9.56 5.23
C ARG A 337 -21.93 -9.51 3.97
N THR A 338 -23.24 -9.50 4.14
CA THR A 338 -24.16 -9.53 3.01
C THR A 338 -24.86 -8.21 2.72
N GLN A 339 -24.30 -7.10 3.18
CA GLN A 339 -24.96 -5.83 2.99
C GLN A 339 -24.47 -4.95 1.83
N ASN A 340 -23.60 -3.99 2.14
CA ASN A 340 -23.07 -3.06 1.16
C ASN A 340 -21.80 -3.61 0.51
N ASN B 4 3.49 -3.90 -34.66
CA ASN B 4 4.12 -3.40 -33.41
C ASN B 4 5.02 -4.45 -32.75
N SER B 5 5.98 -4.95 -33.50
CA SER B 5 6.92 -5.92 -33.01
C SER B 5 7.96 -5.15 -32.21
N LEU B 6 8.73 -5.86 -31.38
CA LEU B 6 9.74 -5.23 -30.57
C LEU B 6 11.11 -5.48 -31.19
N SER B 7 11.87 -4.40 -31.35
CA SER B 7 13.20 -4.50 -31.94
C SER B 7 14.18 -5.16 -30.97
N ASN B 8 15.18 -5.85 -31.51
CA ASN B 8 16.19 -6.48 -30.69
C ASN B 8 16.98 -5.40 -29.97
N SER B 9 17.19 -4.26 -30.64
CA SER B 9 17.92 -3.15 -30.02
C SER B 9 17.17 -2.57 -28.83
N LEU B 10 15.84 -2.49 -28.92
CA LEU B 10 15.06 -1.96 -27.80
C LEU B 10 15.12 -2.97 -26.67
N LYS B 11 15.06 -4.26 -27.01
CA LYS B 11 15.13 -5.30 -26.00
C LYS B 11 16.47 -5.21 -25.26
N THR B 12 17.54 -5.04 -26.03
CA THR B 12 18.87 -4.92 -25.45
C THR B 12 18.94 -3.68 -24.57
N CYS B 13 18.22 -2.63 -24.94
CA CYS B 13 18.21 -1.40 -24.15
C CYS B 13 17.58 -1.67 -22.78
N TYR B 14 16.47 -2.39 -22.75
CA TYR B 14 15.82 -2.73 -21.49
C TYR B 14 16.64 -3.71 -20.68
N LYS B 15 17.45 -4.51 -21.36
CA LYS B 15 18.32 -5.45 -20.68
C LYS B 15 19.35 -4.61 -19.93
N TYR B 16 19.94 -3.64 -20.62
CA TYR B 16 20.94 -2.77 -20.01
C TYR B 16 20.33 -1.97 -18.86
N LEU B 17 19.10 -1.51 -19.05
CA LEU B 17 18.40 -0.75 -18.05
C LEU B 17 18.30 -1.54 -16.74
N ASN B 18 17.94 -2.81 -16.85
CA ASN B 18 17.81 -3.66 -15.68
C ASN B 18 19.14 -4.05 -15.10
N GLN B 19 20.15 -4.01 -15.95
CA GLN B 19 21.51 -4.35 -15.57
C GLN B 19 22.15 -3.20 -14.80
N THR B 20 21.74 -1.99 -15.11
CA THR B 20 22.27 -0.81 -14.49
C THR B 20 21.30 -0.19 -13.50
N SER B 21 20.17 -0.86 -13.26
CA SER B 21 19.19 -0.35 -12.31
C SER B 21 18.65 -1.52 -11.49
N ARG B 22 19.01 -1.53 -10.21
CA ARG B 22 18.60 -2.57 -9.29
C ARG B 22 17.09 -2.75 -9.13
N SER B 23 16.33 -1.65 -9.07
CA SER B 23 14.88 -1.77 -8.88
C SER B 23 14.07 -0.68 -9.54
N PHE B 24 14.71 0.45 -9.84
CA PHE B 24 14.01 1.56 -10.46
C PHE B 24 13.58 1.30 -11.91
N ALA B 25 14.18 0.29 -12.55
CA ALA B 25 13.83 -0.06 -13.93
C ALA B 25 12.35 -0.41 -14.00
N ALA B 26 11.86 -1.10 -12.99
CA ALA B 26 10.47 -1.53 -12.92
C ALA B 26 9.51 -0.36 -12.95
N VAL B 27 9.92 0.75 -12.35
CA VAL B 27 9.09 1.96 -12.31
C VAL B 27 9.17 2.68 -13.66
N ILE B 28 10.37 2.74 -14.24
CA ILE B 28 10.58 3.35 -15.55
C ILE B 28 9.72 2.56 -16.54
N GLN B 29 9.76 1.23 -16.43
CA GLN B 29 8.98 0.35 -17.29
C GLN B 29 7.48 0.51 -17.10
N ALA B 30 7.09 1.20 -16.03
CA ALA B 30 5.68 1.44 -15.72
C ALA B 30 5.18 2.78 -16.26
N LEU B 31 6.08 3.61 -16.79
CA LEU B 31 5.70 4.91 -17.32
C LEU B 31 4.80 4.78 -18.56
N ASP B 32 3.83 5.68 -18.68
CA ASP B 32 2.87 5.68 -19.79
C ASP B 32 3.46 6.11 -21.13
N GLY B 33 2.91 5.53 -22.20
CA GLY B 33 3.29 5.85 -23.57
C GLY B 33 4.74 6.10 -23.92
N GLU B 34 4.95 7.23 -24.61
CA GLU B 34 6.29 7.62 -25.03
C GLU B 34 7.29 7.82 -23.91
N MET B 35 6.81 8.10 -22.71
CA MET B 35 7.70 8.31 -21.56
C MET B 35 8.52 7.06 -21.23
N ARG B 36 7.92 5.89 -21.49
CA ARG B 36 8.58 4.62 -21.24
C ARG B 36 9.97 4.56 -21.89
N ASN B 37 10.03 4.56 -23.22
CA ASN B 37 11.30 4.50 -23.94
C ASN B 37 12.16 5.75 -23.80
N ALA B 38 11.53 6.91 -23.77
CA ALA B 38 12.27 8.15 -23.65
C ALA B 38 13.08 8.16 -22.35
N VAL B 39 12.45 7.76 -21.24
CA VAL B 39 13.12 7.74 -19.93
C VAL B 39 14.11 6.57 -19.84
N CYS B 40 13.78 5.43 -20.46
CA CYS B 40 14.68 4.29 -20.48
C CYS B 40 16.00 4.72 -21.13
N ILE B 41 15.90 5.40 -22.26
CA ILE B 41 17.09 5.86 -22.99
C ILE B 41 17.83 6.95 -22.22
N PHE B 42 17.08 7.90 -21.68
CA PHE B 42 17.66 8.99 -20.89
C PHE B 42 18.52 8.38 -19.78
N TYR B 43 17.94 7.43 -19.07
CA TYR B 43 18.63 6.74 -17.97
C TYR B 43 19.92 6.10 -18.43
N LEU B 44 19.85 5.33 -19.52
CA LEU B 44 21.04 4.66 -20.05
C LEU B 44 22.12 5.64 -20.47
N VAL B 45 21.69 6.73 -21.10
CA VAL B 45 22.59 7.77 -21.58
C VAL B 45 23.30 8.43 -20.40
N LEU B 46 22.56 8.68 -19.33
CA LEU B 46 23.10 9.29 -18.10
C LEU B 46 24.06 8.30 -17.44
N ARG B 47 23.68 7.03 -17.52
CA ARG B 47 24.47 5.93 -16.98
C ARG B 47 25.84 5.89 -17.66
N ALA B 48 25.84 6.06 -18.98
CA ALA B 48 27.06 6.05 -19.78
C ALA B 48 27.97 7.20 -19.38
N LEU B 49 27.38 8.38 -19.25
CA LEU B 49 28.10 9.60 -18.88
C LEU B 49 28.72 9.50 -17.48
N ASP B 50 27.96 8.98 -16.52
CA ASP B 50 28.46 8.82 -15.15
C ASP B 50 29.61 7.83 -15.15
N THR B 51 29.48 6.77 -15.93
CA THR B 51 30.52 5.76 -16.00
C THR B 51 31.82 6.40 -16.52
N LEU B 52 31.70 7.31 -17.48
CA LEU B 52 32.88 7.98 -18.02
C LEU B 52 33.51 8.90 -16.98
N GLU B 53 32.66 9.62 -16.24
CA GLU B 53 33.14 10.54 -15.21
C GLU B 53 33.83 9.79 -14.05
N ASP B 54 33.24 8.66 -13.65
CA ASP B 54 33.76 7.84 -12.56
C ASP B 54 35.08 7.14 -12.85
N ASP B 55 35.22 6.69 -14.08
CA ASP B 55 36.38 5.94 -14.53
C ASP B 55 37.72 6.69 -14.40
N MET B 56 38.42 6.43 -13.31
CA MET B 56 39.70 7.06 -13.07
C MET B 56 40.84 6.55 -13.97
N THR B 57 40.62 5.48 -14.72
CA THR B 57 41.66 4.97 -15.60
C THR B 57 41.70 5.75 -16.93
N ILE B 58 40.72 6.61 -17.16
CA ILE B 58 40.66 7.40 -18.37
C ILE B 58 41.33 8.75 -18.10
N SER B 59 42.54 8.91 -18.63
CA SER B 59 43.31 10.14 -18.44
C SER B 59 42.51 11.39 -18.77
N VAL B 60 42.62 12.41 -17.91
CA VAL B 60 41.87 13.64 -18.08
C VAL B 60 41.95 14.28 -19.46
N GLU B 61 43.08 14.16 -20.14
CA GLU B 61 43.18 14.78 -21.46
C GLU B 61 42.28 14.09 -22.48
N LYS B 62 41.89 12.86 -22.18
CA LYS B 62 40.99 12.10 -23.04
C LYS B 62 39.56 12.19 -22.48
N LYS B 63 39.45 12.11 -21.17
CA LYS B 63 38.15 12.17 -20.50
C LYS B 63 37.40 13.47 -20.80
N VAL B 64 38.11 14.60 -20.76
CA VAL B 64 37.47 15.90 -21.02
C VAL B 64 36.73 15.99 -22.36
N PRO B 65 37.38 15.61 -23.47
CA PRO B 65 36.67 15.66 -24.76
C PRO B 65 35.46 14.74 -24.73
N LEU B 66 35.62 13.56 -24.15
CA LEU B 66 34.54 12.58 -24.04
C LEU B 66 33.32 13.15 -23.33
N LEU B 67 33.53 13.80 -22.19
CA LEU B 67 32.44 14.39 -21.41
C LEU B 67 31.82 15.56 -22.15
N HIS B 68 32.66 16.40 -22.73
CA HIS B 68 32.20 17.57 -23.46
C HIS B 68 31.42 17.27 -24.73
N ASN B 69 31.85 16.27 -25.50
CA ASN B 69 31.21 15.93 -26.76
C ASN B 69 30.22 14.78 -26.69
N PHE B 70 29.95 14.28 -25.49
CA PHE B 70 29.01 13.17 -25.32
C PHE B 70 27.66 13.42 -26.00
N HIS B 71 27.13 14.62 -25.83
CA HIS B 71 25.85 15.00 -26.44
C HIS B 71 25.87 14.75 -27.96
N SER B 72 27.04 14.90 -28.59
CA SER B 72 27.18 14.69 -30.03
C SER B 72 27.21 13.20 -30.41
N PHE B 73 27.83 12.39 -29.56
CA PHE B 73 27.94 10.95 -29.80
C PHE B 73 26.57 10.27 -29.91
N LEU B 74 25.56 10.89 -29.34
CA LEU B 74 24.19 10.40 -29.37
C LEU B 74 23.70 10.28 -30.81
N TYR B 75 24.19 11.16 -31.67
CA TYR B 75 23.79 11.20 -33.07
C TYR B 75 24.74 10.43 -34.00
N GLN B 76 25.82 9.92 -33.43
CA GLN B 76 26.82 9.18 -34.20
C GLN B 76 26.63 7.67 -33.99
N PRO B 77 25.98 6.99 -34.97
CA PRO B 77 25.67 5.56 -34.99
C PRO B 77 26.80 4.60 -34.66
N ASP B 78 28.02 4.97 -35.00
CA ASP B 78 29.15 4.09 -34.76
C ASP B 78 29.95 4.40 -33.51
N TRP B 79 29.60 5.49 -32.82
CA TRP B 79 30.34 5.86 -31.62
C TRP B 79 30.18 4.85 -30.52
N ARG B 80 31.31 4.56 -29.87
CA ARG B 80 31.36 3.63 -28.75
C ARG B 80 32.70 3.84 -28.05
N PHE B 81 32.79 3.42 -26.79
CA PHE B 81 34.02 3.54 -26.03
C PHE B 81 34.32 2.15 -25.48
N MET B 82 35.44 1.59 -25.94
CA MET B 82 35.87 0.25 -25.57
C MET B 82 36.88 0.11 -24.43
N GLU B 83 37.38 1.23 -23.91
CA GLU B 83 38.41 1.14 -22.89
C GLU B 83 37.96 1.31 -21.44
N SER B 84 36.67 1.37 -21.20
CA SER B 84 36.16 1.55 -19.84
C SER B 84 36.43 0.33 -18.96
N LYS B 85 36.81 0.59 -17.71
CA LYS B 85 37.10 -0.49 -16.77
C LYS B 85 36.16 -0.36 -15.57
N GLU B 86 35.06 0.35 -15.79
CA GLU B 86 34.05 0.57 -14.75
C GLU B 86 32.96 -0.49 -14.88
N LYS B 87 32.17 -0.67 -13.82
CA LYS B 87 31.10 -1.67 -13.79
C LYS B 87 30.14 -1.71 -15.00
N ASP B 88 29.60 -0.56 -15.38
CA ASP B 88 28.65 -0.45 -16.48
C ASP B 88 29.29 -0.23 -17.86
N ARG B 89 30.55 -0.64 -18.01
CA ARG B 89 31.29 -0.49 -19.26
C ARG B 89 30.51 -0.99 -20.50
N GLN B 90 29.67 -2.00 -20.33
CA GLN B 90 28.88 -2.55 -21.43
C GLN B 90 28.03 -1.52 -22.17
N VAL B 91 27.51 -0.56 -21.41
CA VAL B 91 26.67 0.51 -21.92
C VAL B 91 27.48 1.45 -22.82
N LEU B 92 28.80 1.50 -22.60
CA LEU B 92 29.68 2.33 -23.43
C LEU B 92 30.15 1.53 -24.63
N GLU B 93 30.45 0.27 -24.39
CA GLU B 93 30.91 -0.66 -25.40
C GLU B 93 29.85 -0.86 -26.47
N ASP B 94 28.60 -1.02 -26.04
CA ASP B 94 27.50 -1.24 -26.96
C ASP B 94 26.66 0.03 -27.13
N PHE B 95 27.30 1.19 -27.02
CA PHE B 95 26.60 2.45 -27.17
C PHE B 95 25.79 2.57 -28.46
N PRO B 96 26.29 2.04 -29.59
CA PRO B 96 25.54 2.12 -30.86
C PRO B 96 24.10 1.60 -30.75
N THR B 97 23.90 0.57 -29.94
CA THR B 97 22.58 0.01 -29.75
C THR B 97 21.68 1.00 -29.02
N ILE B 98 22.28 1.73 -28.09
CA ILE B 98 21.56 2.73 -27.30
C ILE B 98 21.25 3.98 -28.13
N SER B 99 22.25 4.50 -28.84
CA SER B 99 22.08 5.71 -29.66
C SER B 99 21.09 5.42 -30.79
N LEU B 100 21.08 4.18 -31.25
CA LEU B 100 20.14 3.77 -32.29
C LEU B 100 18.72 4.01 -31.78
N GLU B 101 18.46 3.59 -30.53
CA GLU B 101 17.13 3.77 -29.93
C GLU B 101 16.88 5.22 -29.57
N PHE B 102 17.95 5.96 -29.29
CA PHE B 102 17.85 7.39 -28.99
C PHE B 102 17.31 8.08 -30.26
N ARG B 103 17.87 7.71 -31.42
CA ARG B 103 17.47 8.31 -32.68
C ARG B 103 16.03 7.95 -33.10
N ASN B 104 15.49 6.87 -32.55
CA ASN B 104 14.11 6.48 -32.85
C ASN B 104 13.10 7.25 -32.01
N LEU B 105 13.60 8.04 -31.06
CA LEU B 105 12.73 8.81 -30.18
C LEU B 105 12.26 10.03 -30.93
N ALA B 106 11.15 10.61 -30.45
CA ALA B 106 10.60 11.80 -31.05
C ALA B 106 11.62 12.92 -30.93
N GLU B 107 11.68 13.73 -31.97
CA GLU B 107 12.60 14.86 -32.04
C GLU B 107 12.64 15.69 -30.76
N LYS B 108 11.47 15.97 -30.20
CA LYS B 108 11.38 16.77 -28.99
C LYS B 108 12.13 16.16 -27.79
N TYR B 109 12.14 14.84 -27.70
CA TYR B 109 12.84 14.15 -26.61
C TYR B 109 14.33 14.17 -26.85
N GLN B 110 14.73 13.91 -28.09
CA GLN B 110 16.14 13.92 -28.47
C GLN B 110 16.77 15.24 -28.03
N THR B 111 16.09 16.34 -28.34
CA THR B 111 16.56 17.67 -28.00
C THR B 111 16.78 17.86 -26.49
N VAL B 112 15.77 17.50 -25.68
CA VAL B 112 15.86 17.62 -24.23
C VAL B 112 17.04 16.82 -23.69
N ILE B 113 17.09 15.54 -24.04
CA ILE B 113 18.14 14.64 -23.59
C ILE B 113 19.54 15.13 -23.96
N ALA B 114 19.74 15.50 -25.21
CA ALA B 114 21.05 15.96 -25.67
C ALA B 114 21.49 17.25 -24.95
N ASP B 115 20.58 18.20 -24.81
CA ASP B 115 20.89 19.45 -24.13
C ASP B 115 21.37 19.20 -22.71
N ILE B 116 20.68 18.31 -22.00
CA ILE B 116 21.04 17.97 -20.62
C ILE B 116 22.40 17.28 -20.59
N CYS B 117 22.63 16.38 -21.55
CA CYS B 117 23.92 15.68 -21.62
C CYS B 117 25.06 16.66 -21.86
N ARG B 118 24.81 17.68 -22.68
CA ARG B 118 25.80 18.70 -23.01
C ARG B 118 26.18 19.51 -21.78
N ARG B 119 25.17 19.98 -21.04
CA ARG B 119 25.37 20.76 -19.83
C ARG B 119 26.04 19.95 -18.75
N MET B 120 25.58 18.71 -18.57
CA MET B 120 26.13 17.81 -17.58
C MET B 120 27.61 17.58 -17.89
N GLY B 121 27.92 17.26 -19.14
CA GLY B 121 29.30 17.03 -19.54
C GLY B 121 30.22 18.19 -19.19
N ILE B 122 29.79 19.40 -19.52
CA ILE B 122 30.56 20.61 -19.22
C ILE B 122 30.84 20.63 -17.71
N GLY B 123 29.79 20.47 -16.91
CA GLY B 123 29.94 20.48 -15.46
C GLY B 123 30.86 19.42 -14.88
N MET B 124 30.68 18.18 -15.34
CA MET B 124 31.48 17.06 -14.87
C MET B 124 32.95 17.25 -15.19
N ALA B 125 33.22 17.89 -16.32
CA ALA B 125 34.61 18.13 -16.71
C ALA B 125 35.22 19.21 -15.84
N GLU B 126 34.42 20.19 -15.43
CA GLU B 126 34.97 21.26 -14.60
C GLU B 126 35.28 20.80 -13.18
N PHE B 127 34.59 19.76 -12.72
CA PHE B 127 34.82 19.23 -11.39
C PHE B 127 35.86 18.11 -11.31
N LEU B 128 36.36 17.67 -12.46
CA LEU B 128 37.33 16.58 -12.51
C LEU B 128 38.46 16.63 -11.48
N ASP B 129 39.14 17.75 -11.35
CA ASP B 129 40.24 17.90 -10.37
C ASP B 129 39.83 18.90 -9.31
N LYS B 130 38.54 18.95 -9.02
CA LYS B 130 38.02 19.90 -8.05
C LYS B 130 37.13 19.22 -7.02
N HIS B 131 37.66 19.06 -5.80
CA HIS B 131 36.90 18.45 -4.70
C HIS B 131 35.88 19.49 -4.23
N VAL B 132 34.72 19.03 -3.78
CA VAL B 132 33.68 19.92 -3.30
C VAL B 132 34.10 20.57 -1.98
N THR B 133 34.07 21.89 -1.93
CA THR B 133 34.46 22.62 -0.71
C THR B 133 33.28 23.28 0.00
N SER B 134 32.83 24.40 -0.54
CA SER B 134 31.74 25.17 0.05
C SER B 134 30.41 24.52 -0.20
N GLU B 135 29.40 24.99 0.52
CA GLU B 135 28.04 24.48 0.36
C GLU B 135 27.53 24.90 -1.03
N GLN B 136 28.07 25.99 -1.57
CA GLN B 136 27.68 26.47 -2.90
C GLN B 136 28.18 25.42 -3.89
N GLU B 137 29.45 25.08 -3.75
CA GLU B 137 30.09 24.10 -4.62
C GLU B 137 29.40 22.74 -4.57
N TRP B 138 28.95 22.33 -3.37
CA TRP B 138 28.26 21.05 -3.20
C TRP B 138 27.01 21.09 -4.04
N ASP B 139 26.35 22.25 -4.04
CA ASP B 139 25.14 22.45 -4.81
C ASP B 139 25.43 22.45 -6.30
N LYS B 140 26.54 23.08 -6.69
CA LYS B 140 26.95 23.15 -8.09
C LYS B 140 27.14 21.73 -8.65
N TYR B 141 27.89 20.92 -7.92
CA TYR B 141 28.15 19.55 -8.33
C TYR B 141 26.86 18.74 -8.39
N CYS B 142 26.01 18.89 -7.37
CA CYS B 142 24.74 18.17 -7.34
C CYS B 142 23.86 18.59 -8.50
N HIS B 143 23.90 19.87 -8.85
CA HIS B 143 23.11 20.39 -9.97
C HIS B 143 23.54 19.68 -11.26
N TYR B 144 24.85 19.60 -11.46
CA TYR B 144 25.41 18.98 -12.65
C TYR B 144 25.09 17.51 -12.83
N VAL B 145 25.25 16.75 -11.76
CA VAL B 145 25.04 15.32 -11.78
C VAL B 145 23.63 14.84 -11.50
N ALA B 146 22.80 15.66 -10.87
CA ALA B 146 21.45 15.22 -10.56
C ALA B 146 20.37 16.26 -10.76
N GLY B 147 20.70 17.53 -10.52
CA GLY B 147 19.74 18.61 -10.71
C GLY B 147 19.31 18.68 -12.16
N LEU B 148 20.27 18.48 -13.06
CA LEU B 148 19.99 18.50 -14.49
C LEU B 148 19.14 17.30 -14.90
N VAL B 149 19.25 16.20 -14.15
CA VAL B 149 18.44 15.00 -14.45
C VAL B 149 16.99 15.32 -14.16
N GLY B 150 16.74 16.02 -13.06
CA GLY B 150 15.37 16.39 -12.72
C GLY B 150 14.81 17.33 -13.76
N ILE B 151 15.62 18.30 -14.15
CA ILE B 151 15.25 19.30 -15.15
C ILE B 151 14.95 18.64 -16.48
N GLY B 152 15.79 17.69 -16.87
CA GLY B 152 15.60 16.96 -18.12
C GLY B 152 14.31 16.14 -18.11
N LEU B 153 14.11 15.40 -17.01
CA LEU B 153 12.92 14.58 -16.85
C LEU B 153 11.69 15.45 -16.88
N SER B 154 11.79 16.62 -16.24
CA SER B 154 10.68 17.55 -16.19
C SER B 154 10.33 18.07 -17.56
N ARG B 155 11.36 18.33 -18.38
CA ARG B 155 11.12 18.81 -19.74
C ARG B 155 10.52 17.69 -20.59
N LEU B 156 10.87 16.44 -20.30
CA LEU B 156 10.32 15.30 -21.03
C LEU B 156 8.83 15.17 -20.72
N PHE B 157 8.48 15.25 -19.42
CA PHE B 157 7.10 15.15 -18.95
C PHE B 157 6.24 16.20 -19.63
N SER B 158 6.72 17.44 -19.67
CA SER B 158 5.97 18.52 -20.30
C SER B 158 5.90 18.30 -21.82
N ALA B 159 7.03 17.93 -22.43
CA ALA B 159 7.09 17.70 -23.87
C ALA B 159 6.11 16.62 -24.29
N SER B 160 5.93 15.60 -23.46
CA SER B 160 5.00 14.50 -23.76
C SER B 160 3.55 14.94 -23.51
N GLU B 161 3.40 16.04 -22.78
CA GLU B 161 2.10 16.59 -22.44
C GLU B 161 1.33 15.77 -21.43
N PHE B 162 1.98 14.79 -20.82
CA PHE B 162 1.34 13.99 -19.77
C PHE B 162 1.28 14.88 -18.53
N GLU B 163 2.16 15.87 -18.48
CA GLU B 163 2.22 16.82 -17.37
C GLU B 163 2.12 18.24 -17.88
N ASP B 164 1.80 19.16 -16.97
CA ASP B 164 1.64 20.57 -17.26
C ASP B 164 2.95 21.22 -17.69
N PRO B 165 2.91 22.19 -18.62
CA PRO B 165 4.16 22.84 -19.04
C PRO B 165 4.92 23.48 -17.86
N LEU B 166 4.22 23.87 -16.80
CA LEU B 166 4.87 24.47 -15.63
C LEU B 166 5.96 23.55 -15.10
N VAL B 167 5.69 22.24 -15.12
CA VAL B 167 6.65 21.25 -14.64
C VAL B 167 8.02 21.41 -15.28
N GLY B 168 8.05 21.52 -16.61
CA GLY B 168 9.31 21.69 -17.33
C GLY B 168 9.89 23.09 -17.14
N GLU B 169 9.01 24.05 -16.89
CA GLU B 169 9.40 25.44 -16.71
C GLU B 169 10.12 25.73 -15.41
N ASP B 170 9.56 25.22 -14.31
CA ASP B 170 10.13 25.48 -12.99
C ASP B 170 11.39 24.66 -12.74
N THR B 171 12.50 25.13 -13.29
CA THR B 171 13.77 24.47 -13.15
C THR B 171 14.23 24.38 -11.69
N GLU B 172 13.89 25.39 -10.88
CA GLU B 172 14.30 25.41 -9.47
C GLU B 172 13.73 24.21 -8.71
N ARG B 173 12.44 23.98 -8.88
CA ARG B 173 11.75 22.87 -8.25
C ARG B 173 12.38 21.53 -8.70
N ALA B 174 12.54 21.35 -10.01
CA ALA B 174 13.12 20.12 -10.57
C ALA B 174 14.55 19.92 -10.10
N ASN B 175 15.27 21.03 -9.93
CA ASN B 175 16.66 20.99 -9.49
C ASN B 175 16.77 20.47 -8.05
N SER B 176 15.87 20.94 -7.18
CA SER B 176 15.85 20.51 -5.79
C SER B 176 15.50 19.03 -5.67
N MET B 177 14.64 18.54 -6.56
CA MET B 177 14.27 17.12 -6.56
C MET B 177 15.56 16.31 -6.76
N GLY B 178 16.40 16.79 -7.67
CA GLY B 178 17.65 16.11 -7.95
C GLY B 178 18.66 16.28 -6.83
N LEU B 179 18.81 17.50 -6.32
CA LEU B 179 19.75 17.77 -5.23
C LEU B 179 19.44 16.92 -4.01
N PHE B 180 18.15 16.79 -3.71
CA PHE B 180 17.74 16.03 -2.55
C PHE B 180 18.18 14.57 -2.65
N LEU B 181 17.98 13.95 -3.81
CA LEU B 181 18.39 12.56 -3.98
C LEU B 181 19.90 12.41 -3.95
N GLN B 182 20.60 13.34 -4.60
CA GLN B 182 22.05 13.26 -4.66
C GLN B 182 22.68 13.45 -3.28
N LYS B 183 22.17 14.43 -2.53
CA LYS B 183 22.69 14.69 -1.19
C LYS B 183 22.53 13.51 -0.26
N THR B 184 21.34 12.91 -0.21
CA THR B 184 21.19 11.78 0.70
C THR B 184 22.06 10.60 0.27
N ASN B 185 22.25 10.44 -1.04
CA ASN B 185 23.10 9.37 -1.55
C ASN B 185 24.53 9.60 -1.06
N ILE B 186 25.03 10.81 -1.24
CA ILE B 186 26.37 11.20 -0.82
C ILE B 186 26.55 10.98 0.71
N ILE B 187 25.55 11.40 1.48
CA ILE B 187 25.60 11.24 2.94
C ILE B 187 25.65 9.75 3.30
N ARG B 188 24.73 8.99 2.72
CA ARG B 188 24.63 7.56 2.96
C ARG B 188 25.87 6.78 2.54
N ASP B 189 26.44 7.14 1.40
CA ASP B 189 27.60 6.43 0.86
C ASP B 189 29.00 6.75 1.39
N TYR B 190 29.10 7.59 2.41
CA TYR B 190 30.39 7.97 2.96
C TYR B 190 31.40 6.83 3.11
N LEU B 191 31.04 5.79 3.85
CA LEU B 191 31.93 4.66 4.10
C LEU B 191 32.33 3.93 2.81
N GLU B 192 31.34 3.58 2.00
CA GLU B 192 31.62 2.88 0.73
C GLU B 192 32.58 3.70 -0.12
N ASP B 193 32.33 5.01 -0.17
CA ASP B 193 33.19 5.90 -0.94
C ASP B 193 34.62 5.86 -0.41
N GLN B 194 34.76 5.85 0.92
CA GLN B 194 36.08 5.79 1.54
C GLN B 194 36.87 4.60 1.00
N GLN B 195 36.22 3.44 0.91
CA GLN B 195 36.90 2.25 0.40
C GLN B 195 37.37 2.46 -1.04
N GLY B 196 36.57 3.14 -1.84
CA GLY B 196 36.90 3.38 -3.22
C GLY B 196 37.71 4.64 -3.46
N GLY B 197 38.17 5.27 -2.39
CA GLY B 197 38.98 6.48 -2.51
C GLY B 197 38.21 7.69 -3.00
N ARG B 198 36.89 7.67 -2.87
CA ARG B 198 36.03 8.76 -3.33
C ARG B 198 35.58 9.66 -2.17
N GLU B 199 35.51 10.97 -2.42
CA GLU B 199 35.10 11.94 -1.41
C GLU B 199 34.14 12.97 -1.99
N PHE B 200 32.97 13.09 -1.39
CA PHE B 200 31.95 14.01 -1.86
C PHE B 200 31.48 14.99 -0.78
N TRP B 201 31.69 14.62 0.47
CA TRP B 201 31.29 15.48 1.58
C TRP B 201 32.02 16.83 1.48
N PRO B 202 31.28 17.95 1.55
CA PRO B 202 31.86 19.29 1.46
C PRO B 202 32.94 19.65 2.51
N GLN B 203 34.10 20.06 2.02
CA GLN B 203 35.24 20.45 2.84
C GLN B 203 34.92 21.46 3.92
N GLU B 204 34.31 22.58 3.53
CA GLU B 204 33.99 23.64 4.48
C GLU B 204 33.10 23.22 5.64
N VAL B 205 32.65 21.96 5.61
CA VAL B 205 31.84 21.43 6.69
C VAL B 205 32.68 20.45 7.50
N TRP B 206 33.05 19.32 6.92
CA TRP B 206 33.84 18.33 7.66
C TRP B 206 35.15 18.84 8.24
N SER B 207 35.76 19.84 7.60
CA SER B 207 37.03 20.40 8.06
C SER B 207 36.89 20.97 9.46
N ARG B 208 35.68 21.43 9.79
CA ARG B 208 35.41 22.00 11.09
C ARG B 208 35.11 20.90 12.12
N TYR B 209 35.41 19.66 11.76
CA TYR B 209 35.17 18.54 12.66
C TYR B 209 36.41 17.67 12.72
N VAL B 210 37.08 17.51 11.57
CA VAL B 210 38.29 16.70 11.50
C VAL B 210 39.30 17.26 10.48
N LYS B 211 40.55 16.86 10.64
CA LYS B 211 41.64 17.30 9.78
C LYS B 211 41.45 16.77 8.36
N LYS B 212 41.14 15.48 8.26
CA LYS B 212 40.95 14.85 6.97
C LYS B 212 39.63 14.08 6.89
N LEU B 213 38.99 14.14 5.73
CA LEU B 213 37.75 13.40 5.51
C LEU B 213 38.33 12.01 5.36
N GLY B 214 37.91 11.11 6.24
CA GLY B 214 38.44 9.77 6.23
C GLY B 214 38.71 9.47 7.69
N ASP B 215 39.01 10.53 8.44
CA ASP B 215 39.25 10.39 9.86
C ASP B 215 37.94 10.07 10.56
N PHE B 216 36.81 10.26 9.85
CA PHE B 216 35.49 9.94 10.37
C PHE B 216 35.34 8.43 10.43
N ALA B 217 36.07 7.74 9.55
CA ALA B 217 36.05 6.28 9.50
C ALA B 217 36.95 5.74 10.60
N LYS B 218 37.64 6.65 11.28
CA LYS B 218 38.53 6.28 12.38
C LYS B 218 37.63 6.23 13.62
N PRO B 219 37.52 5.05 14.26
CA PRO B 219 36.71 4.80 15.46
C PRO B 219 36.82 5.86 16.56
N GLU B 220 37.95 6.56 16.59
CA GLU B 220 38.20 7.58 17.61
C GLU B 220 37.43 8.88 17.35
N ASN B 221 37.09 9.13 16.08
CA ASN B 221 36.38 10.35 15.69
C ASN B 221 34.90 10.21 15.39
N ILE B 222 34.32 9.07 15.76
CA ILE B 222 32.92 8.82 15.50
C ILE B 222 31.96 9.85 16.11
N ASP B 223 32.30 10.39 17.29
CA ASP B 223 31.43 11.38 17.93
C ASP B 223 31.26 12.61 17.06
N LEU B 224 32.38 13.16 16.61
CA LEU B 224 32.37 14.35 15.75
C LEU B 224 31.85 14.01 14.36
N ALA B 225 32.05 12.75 13.96
CA ALA B 225 31.59 12.25 12.68
C ALA B 225 30.08 12.39 12.62
N VAL B 226 29.40 11.88 13.64
CA VAL B 226 27.95 11.93 13.71
C VAL B 226 27.44 13.37 13.77
N GLN B 227 28.25 14.27 14.31
CA GLN B 227 27.85 15.66 14.38
C GLN B 227 27.78 16.24 12.97
N CYS B 228 28.82 15.97 12.19
CA CYS B 228 28.91 16.44 10.81
C CYS B 228 27.73 15.84 10.03
N LEU B 229 27.55 14.53 10.18
CA LEU B 229 26.47 13.81 9.55
C LEU B 229 25.17 14.58 9.74
N ASN B 230 24.85 14.89 10.99
CA ASN B 230 23.63 15.61 11.31
C ASN B 230 23.49 16.95 10.62
N GLU B 231 24.61 17.64 10.42
CA GLU B 231 24.57 18.93 9.74
C GLU B 231 24.29 18.77 8.25
N LEU B 232 24.93 17.76 7.63
CA LEU B 232 24.70 17.52 6.21
C LEU B 232 23.23 17.13 5.99
N ILE B 233 22.70 16.32 6.89
CA ILE B 233 21.30 15.89 6.82
C ILE B 233 20.37 17.09 6.93
N THR B 234 20.67 18.01 7.85
CA THR B 234 19.83 19.19 8.03
C THR B 234 19.86 20.02 6.74
N ASN B 235 21.02 20.03 6.09
CA ASN B 235 21.20 20.76 4.83
C ASN B 235 20.23 20.16 3.80
N ALA B 236 20.29 18.84 3.66
CA ALA B 236 19.44 18.11 2.72
C ALA B 236 17.95 18.36 2.90
N LEU B 237 17.48 18.36 4.15
CA LEU B 237 16.06 18.57 4.45
C LEU B 237 15.47 19.86 3.89
N HIS B 238 16.32 20.85 3.65
CA HIS B 238 15.85 22.13 3.12
C HIS B 238 15.20 22.03 1.74
N HIS B 239 15.38 20.88 1.09
CA HIS B 239 14.81 20.65 -0.24
C HIS B 239 13.42 20.02 -0.21
N ILE B 240 13.00 19.55 0.96
CA ILE B 240 11.70 18.90 1.10
C ILE B 240 10.55 19.80 0.65
N PRO B 241 10.61 21.11 0.96
CA PRO B 241 9.53 22.01 0.54
C PRO B 241 9.33 21.97 -0.98
N ASP B 242 10.42 22.14 -1.71
CA ASP B 242 10.41 22.09 -3.18
C ASP B 242 9.94 20.74 -3.69
N VAL B 243 10.36 19.67 -3.02
CA VAL B 243 9.97 18.32 -3.39
C VAL B 243 8.45 18.16 -3.30
N ILE B 244 7.87 18.67 -2.22
CA ILE B 244 6.42 18.58 -2.02
C ILE B 244 5.70 19.42 -3.08
N THR B 245 6.23 20.59 -3.39
CA THR B 245 5.64 21.45 -4.40
C THR B 245 5.66 20.74 -5.77
N TYR B 246 6.81 20.18 -6.13
CA TYR B 246 6.98 19.48 -7.40
C TYR B 246 5.98 18.31 -7.50
N LEU B 247 6.00 17.44 -6.50
CA LEU B 247 5.12 16.28 -6.47
C LEU B 247 3.65 16.62 -6.50
N SER B 248 3.27 17.76 -5.93
CA SER B 248 1.86 18.15 -5.90
C SER B 248 1.33 18.61 -7.27
N ARG B 249 2.24 18.96 -8.18
CA ARG B 249 1.83 19.41 -9.50
C ARG B 249 1.65 18.28 -10.51
N LEU B 250 2.02 17.06 -10.13
CA LEU B 250 1.91 15.91 -11.04
C LEU B 250 0.47 15.41 -11.17
N ARG B 251 0.09 15.05 -12.40
CA ARG B 251 -1.26 14.58 -12.70
C ARG B 251 -1.30 13.14 -13.19
N ASN B 252 -0.23 12.71 -13.87
CA ASN B 252 -0.15 11.36 -14.40
C ASN B 252 0.30 10.37 -13.33
N GLN B 253 -0.48 9.31 -13.14
CA GLN B 253 -0.20 8.29 -12.13
C GLN B 253 1.16 7.61 -12.30
N SER B 254 1.50 7.20 -13.52
CA SER B 254 2.78 6.54 -13.76
C SER B 254 3.93 7.50 -13.44
N VAL B 255 3.73 8.77 -13.78
CA VAL B 255 4.76 9.80 -13.50
C VAL B 255 4.87 10.05 -12.01
N PHE B 256 3.73 10.16 -11.32
CA PHE B 256 3.73 10.41 -9.89
C PHE B 256 4.52 9.33 -9.18
N ASN B 257 4.20 8.07 -9.47
CA ASN B 257 4.89 6.94 -8.86
C ASN B 257 6.39 7.06 -9.11
N PHE B 258 6.74 7.33 -10.37
CA PHE B 258 8.11 7.46 -10.82
C PHE B 258 8.88 8.54 -10.05
N CYS B 259 8.23 9.67 -9.81
CA CYS B 259 8.89 10.76 -9.10
C CYS B 259 8.87 10.62 -7.57
N ALA B 260 7.72 10.22 -7.02
CA ALA B 260 7.53 10.08 -5.59
C ALA B 260 8.31 8.99 -4.89
N ILE B 261 8.30 7.77 -5.46
CA ILE B 261 9.00 6.63 -4.87
C ILE B 261 10.44 6.94 -4.43
N PRO B 262 11.29 7.49 -5.32
CA PRO B 262 12.67 7.78 -4.91
C PRO B 262 12.74 8.85 -3.81
N GLN B 263 11.87 9.87 -3.89
CA GLN B 263 11.87 10.92 -2.88
C GLN B 263 11.57 10.38 -1.49
N VAL B 264 10.57 9.51 -1.39
CA VAL B 264 10.20 8.92 -0.11
C VAL B 264 11.29 7.97 0.39
N MET B 265 11.91 7.25 -0.53
CA MET B 265 13.00 6.32 -0.19
C MET B 265 14.21 7.11 0.35
N ALA B 266 14.42 8.30 -0.20
CA ALA B 266 15.53 9.17 0.22
C ALA B 266 15.21 9.74 1.60
N ILE B 267 13.99 10.21 1.80
CA ILE B 267 13.59 10.76 3.09
C ILE B 267 13.68 9.66 4.15
N ALA B 268 13.38 8.43 3.75
CA ALA B 268 13.44 7.29 4.65
C ALA B 268 14.88 7.00 5.04
N THR B 269 15.79 7.11 4.08
CA THR B 269 17.19 6.83 4.34
C THR B 269 17.81 7.91 5.25
N LEU B 270 17.45 9.17 5.01
CA LEU B 270 17.94 10.27 5.83
C LEU B 270 17.51 10.05 7.27
N ALA B 271 16.23 9.72 7.47
CA ALA B 271 15.70 9.46 8.80
C ALA B 271 16.44 8.30 9.46
N ALA B 272 16.79 7.29 8.68
CA ALA B 272 17.51 6.14 9.22
C ALA B 272 18.97 6.49 9.53
N CYS B 273 19.55 7.35 8.71
CA CYS B 273 20.95 7.75 8.87
C CYS B 273 21.16 8.81 9.96
N TYR B 274 20.12 9.63 10.20
CA TYR B 274 20.21 10.70 11.18
C TYR B 274 20.69 10.26 12.56
N ASN B 275 21.71 10.95 13.06
CA ASN B 275 22.31 10.69 14.37
C ASN B 275 22.62 9.21 14.52
N ASN B 276 23.11 8.61 13.43
CA ASN B 276 23.41 7.19 13.45
C ASN B 276 24.88 6.89 13.16
N GLN B 277 25.51 6.20 14.10
CA GLN B 277 26.92 5.85 13.99
C GLN B 277 27.22 4.75 12.98
N GLN B 278 26.18 4.05 12.52
CA GLN B 278 26.39 3.00 11.53
C GLN B 278 26.86 3.61 10.21
N VAL B 279 26.52 4.87 9.99
CA VAL B 279 26.92 5.57 8.77
C VAL B 279 28.42 5.45 8.53
N PHE B 280 29.19 5.42 9.61
CA PHE B 280 30.64 5.35 9.50
C PHE B 280 31.20 3.96 9.71
N LYS B 281 30.29 2.99 9.71
CA LYS B 281 30.64 1.59 9.90
C LYS B 281 30.05 0.73 8.80
N GLY B 282 28.73 0.78 8.62
CA GLY B 282 28.09 0.01 7.57
C GLY B 282 26.64 0.40 7.30
N ALA B 283 25.97 -0.44 6.51
CA ALA B 283 24.58 -0.25 6.12
C ALA B 283 23.65 0.06 7.29
N VAL B 284 22.75 1.01 7.09
CA VAL B 284 21.80 1.40 8.11
C VAL B 284 20.62 0.44 8.13
N ALA B 298 3.04 5.11 -1.61
CA ALA B 298 3.42 6.49 -2.07
C ALA B 298 2.85 6.69 -3.48
N THR B 299 1.56 6.38 -3.62
CA THR B 299 0.89 6.48 -4.91
C THR B 299 -0.09 7.64 -5.08
N ASN B 300 -0.31 8.40 -4.01
CA ASN B 300 -1.20 9.56 -4.06
C ASN B 300 -0.57 10.65 -3.19
N MET B 301 -0.73 11.91 -3.58
CA MET B 301 -0.14 13.03 -2.86
C MET B 301 -0.44 13.15 -1.36
N PRO B 302 -1.71 13.02 -0.95
CA PRO B 302 -2.00 13.12 0.49
C PRO B 302 -1.23 12.07 1.28
N ALA B 303 -1.17 10.85 0.76
CA ALA B 303 -0.44 9.77 1.43
C ALA B 303 1.06 10.05 1.46
N VAL B 304 1.58 10.64 0.38
CA VAL B 304 3.01 10.98 0.28
C VAL B 304 3.34 12.06 1.31
N LYS B 305 2.46 13.05 1.42
CA LYS B 305 2.64 14.14 2.38
C LYS B 305 2.72 13.58 3.79
N ALA B 306 1.77 12.72 4.13
CA ALA B 306 1.72 12.11 5.46
C ALA B 306 2.94 11.25 5.75
N ILE B 307 3.35 10.44 4.76
CA ILE B 307 4.53 9.58 4.93
C ILE B 307 5.78 10.42 5.19
N ILE B 308 5.95 11.48 4.41
CA ILE B 308 7.10 12.35 4.57
C ILE B 308 7.04 12.99 5.95
N TYR B 309 5.87 13.52 6.30
CA TYR B 309 5.67 14.16 7.61
C TYR B 309 6.08 13.22 8.75
N GLN B 310 5.67 11.97 8.67
CA GLN B 310 6.02 11.02 9.71
C GLN B 310 7.53 10.86 9.83
N TYR B 311 8.22 10.66 8.72
CA TYR B 311 9.67 10.51 8.78
C TYR B 311 10.31 11.76 9.36
N MET B 312 9.68 12.91 9.11
CA MET B 312 10.16 14.18 9.61
C MET B 312 10.11 14.17 11.15
N GLU B 313 9.04 13.62 11.70
CA GLU B 313 8.88 13.53 13.15
C GLU B 313 9.87 12.55 13.73
N GLU B 314 10.23 11.55 12.91
CA GLU B 314 11.18 10.51 13.29
C GLU B 314 12.52 11.17 13.62
N ILE B 315 13.00 12.01 12.70
CA ILE B 315 14.25 12.74 12.88
C ILE B 315 14.08 13.66 14.08
N TYR B 316 12.93 14.31 14.16
CA TYR B 316 12.62 15.24 15.23
C TYR B 316 12.86 14.64 16.61
N HIS B 317 12.33 13.45 16.85
CA HIS B 317 12.50 12.80 18.14
C HIS B 317 13.92 12.31 18.41
N ARG B 318 14.74 12.21 17.37
CA ARG B 318 16.13 11.75 17.51
C ARG B 318 17.08 12.92 17.81
N ILE B 319 16.62 14.15 17.60
CA ILE B 319 17.45 15.33 17.80
C ILE B 319 18.08 15.48 19.20
N PRO B 320 19.42 15.35 19.27
CA PRO B 320 20.13 15.47 20.55
C PRO B 320 20.34 16.95 20.89
N ASP B 321 20.08 17.31 22.14
CA ASP B 321 20.22 18.70 22.58
C ASP B 321 21.65 19.24 22.41
N SER B 322 22.62 18.36 22.63
CA SER B 322 24.03 18.72 22.54
C SER B 322 24.55 18.86 21.11
N ASP B 323 23.68 18.60 20.13
CA ASP B 323 24.05 18.68 18.72
C ASP B 323 24.17 20.12 18.22
N PRO B 324 25.29 20.45 17.56
CA PRO B 324 25.59 21.78 17.00
C PRO B 324 24.52 22.31 16.05
N SER B 325 23.80 21.41 15.40
CA SER B 325 22.76 21.78 14.44
C SER B 325 21.34 21.64 14.97
N SER B 326 21.17 20.96 16.10
CA SER B 326 19.84 20.71 16.70
C SER B 326 18.80 21.81 16.47
N SER B 327 19.22 23.06 16.55
CA SER B 327 18.33 24.21 16.34
C SER B 327 17.90 24.32 14.89
N LYS B 328 18.87 24.25 13.97
CA LYS B 328 18.59 24.34 12.55
C LYS B 328 17.64 23.21 12.16
N THR B 329 17.95 22.02 12.65
CA THR B 329 17.14 20.85 12.35
C THR B 329 15.69 21.04 12.78
N ARG B 330 15.50 21.60 13.97
CA ARG B 330 14.16 21.84 14.47
C ARG B 330 13.43 22.89 13.64
N GLN B 331 14.17 23.90 13.21
CA GLN B 331 13.59 24.97 12.42
C GLN B 331 13.10 24.50 11.06
N ILE B 332 13.92 23.71 10.36
CA ILE B 332 13.52 23.23 9.04
C ILE B 332 12.30 22.30 9.16
N ILE B 333 12.33 21.40 10.14
CA ILE B 333 11.21 20.48 10.35
C ILE B 333 9.93 21.26 10.66
N SER B 334 10.02 22.25 11.53
CA SER B 334 8.85 23.06 11.87
C SER B 334 8.31 23.73 10.62
N THR B 335 9.21 24.11 9.73
CA THR B 335 8.85 24.75 8.48
C THR B 335 8.05 23.78 7.59
N ILE B 336 8.46 22.52 7.58
CA ILE B 336 7.76 21.51 6.80
C ILE B 336 6.36 21.29 7.40
N ARG B 337 6.31 21.20 8.73
CA ARG B 337 5.05 20.99 9.44
C ARG B 337 3.95 21.99 9.12
N THR B 338 4.23 23.26 9.39
CA THR B 338 3.26 24.34 9.17
C THR B 338 3.09 24.77 7.73
N GLN B 339 3.94 24.23 6.88
CA GLN B 339 3.99 24.53 5.44
C GLN B 339 2.70 24.21 4.67
N ASN B 340 2.69 23.11 3.92
CA ASN B 340 1.52 22.73 3.13
C ASN B 340 1.56 21.24 2.79
N ASN C 8 -31.80 -15.23 4.53
CA ASN C 8 -31.02 -16.23 5.33
C ASN C 8 -30.14 -17.08 4.44
N SER C 9 -30.62 -17.42 3.26
CA SER C 9 -29.85 -18.23 2.32
C SER C 9 -28.67 -17.44 1.76
N LEU C 10 -28.87 -16.14 1.52
CA LEU C 10 -27.78 -15.33 1.00
C LEU C 10 -26.71 -15.21 2.08
N LYS C 11 -27.16 -15.03 3.32
CA LYS C 11 -26.23 -14.94 4.45
C LYS C 11 -25.46 -16.26 4.56
N THR C 12 -26.17 -17.38 4.46
CA THR C 12 -25.52 -18.67 4.54
C THR C 12 -24.49 -18.79 3.42
N CYS C 13 -24.82 -18.25 2.25
CA CYS C 13 -23.89 -18.27 1.13
C CYS C 13 -22.61 -17.52 1.46
N TYR C 14 -22.72 -16.36 2.08
CA TYR C 14 -21.52 -15.61 2.44
C TYR C 14 -20.73 -16.28 3.58
N LYS C 15 -21.41 -17.00 4.46
CA LYS C 15 -20.73 -17.71 5.52
C LYS C 15 -19.85 -18.75 4.81
N TYR C 16 -20.45 -19.51 3.90
CA TYR C 16 -19.72 -20.51 3.13
C TYR C 16 -18.56 -19.90 2.37
N LEU C 17 -18.79 -18.75 1.76
CA LEU C 17 -17.73 -18.07 1.00
C LEU C 17 -16.53 -17.85 1.92
N ASN C 18 -16.82 -17.42 3.13
CA ASN C 18 -15.79 -17.14 4.11
C ASN C 18 -15.09 -18.39 4.63
N GLN C 19 -15.84 -19.47 4.83
CA GLN C 19 -15.22 -20.69 5.31
C GLN C 19 -14.52 -21.45 4.18
N THR C 20 -14.80 -21.08 2.93
CA THR C 20 -14.17 -21.76 1.80
C THR C 20 -13.05 -20.91 1.18
N SER C 21 -12.98 -19.65 1.56
CA SER C 21 -11.95 -18.74 1.06
C SER C 21 -11.12 -18.15 2.19
N ARG C 22 -9.84 -18.55 2.25
CA ARG C 22 -8.91 -18.08 3.28
C ARG C 22 -8.81 -16.56 3.42
N SER C 23 -8.75 -15.84 2.31
CA SER C 23 -8.61 -14.38 2.37
C SER C 23 -9.28 -13.61 1.24
N PHE C 24 -9.67 -14.32 0.19
CA PHE C 24 -10.29 -13.65 -0.95
C PHE C 24 -11.75 -13.22 -0.75
N ALA C 25 -12.46 -13.87 0.16
CA ALA C 25 -13.86 -13.54 0.43
C ALA C 25 -14.04 -12.06 0.71
N ALA C 26 -13.08 -11.45 1.39
CA ALA C 26 -13.14 -10.02 1.71
C ALA C 26 -13.07 -9.18 0.45
N VAL C 27 -12.26 -9.64 -0.51
CA VAL C 27 -12.09 -8.93 -1.80
C VAL C 27 -13.38 -9.03 -2.61
N ILE C 28 -13.98 -10.21 -2.60
CA ILE C 28 -15.24 -10.45 -3.30
C ILE C 28 -16.34 -9.60 -2.68
N GLN C 29 -16.37 -9.57 -1.35
CA GLN C 29 -17.38 -8.79 -0.62
C GLN C 29 -17.25 -7.29 -0.90
N ALA C 30 -16.12 -6.89 -1.47
CA ALA C 30 -15.89 -5.49 -1.78
C ALA C 30 -16.29 -5.06 -3.18
N LEU C 31 -16.76 -6.01 -4.01
CA LEU C 31 -17.18 -5.71 -5.38
C LEU C 31 -18.45 -4.86 -5.43
N ASP C 32 -18.49 -3.91 -6.36
CA ASP C 32 -19.63 -3.02 -6.54
C ASP C 32 -20.93 -3.71 -6.96
N GLY C 33 -22.02 -3.18 -6.42
CA GLY C 33 -23.35 -3.68 -6.74
C GLY C 33 -23.54 -5.15 -7.01
N GLU C 34 -24.25 -5.44 -8.10
CA GLU C 34 -24.58 -6.79 -8.51
C GLU C 34 -23.42 -7.76 -8.70
N MET C 35 -22.21 -7.25 -8.85
CA MET C 35 -21.06 -8.13 -9.02
C MET C 35 -20.82 -8.94 -7.76
N ARG C 36 -21.03 -8.30 -6.62
CA ARG C 36 -20.82 -8.95 -5.33
C ARG C 36 -21.49 -10.33 -5.25
N ASN C 37 -22.82 -10.34 -5.27
CA ASN C 37 -23.57 -11.60 -5.20
C ASN C 37 -23.24 -12.58 -6.32
N ALA C 38 -23.17 -12.07 -7.55
CA ALA C 38 -22.86 -12.91 -8.71
C ALA C 38 -21.54 -13.63 -8.53
N VAL C 39 -20.51 -12.90 -8.13
CA VAL C 39 -19.18 -13.48 -7.91
C VAL C 39 -19.14 -14.42 -6.71
N CYS C 40 -19.89 -14.08 -5.66
CA CYS C 40 -19.95 -14.94 -4.48
C CYS C 40 -20.56 -16.29 -4.86
N ILE C 41 -21.68 -16.25 -5.57
CA ILE C 41 -22.35 -17.48 -6.01
C ILE C 41 -21.46 -18.21 -7.01
N PHE C 42 -20.89 -17.48 -7.95
CA PHE C 42 -20.02 -18.09 -8.94
C PHE C 42 -18.85 -18.80 -8.24
N TYR C 43 -18.24 -18.13 -7.26
CA TYR C 43 -17.12 -18.71 -6.51
C TYR C 43 -17.56 -20.00 -5.78
N LEU C 44 -18.73 -19.97 -5.17
CA LEU C 44 -19.26 -21.12 -4.44
C LEU C 44 -19.61 -22.27 -5.35
N VAL C 45 -20.13 -21.95 -6.54
CA VAL C 45 -20.51 -22.95 -7.51
C VAL C 45 -19.26 -23.65 -8.06
N LEU C 46 -18.25 -22.86 -8.39
CA LEU C 46 -16.99 -23.40 -8.89
C LEU C 46 -16.37 -24.24 -7.78
N ARG C 47 -16.48 -23.77 -6.55
CA ARG C 47 -15.95 -24.47 -5.39
C ARG C 47 -16.59 -25.84 -5.22
N ALA C 48 -17.89 -25.93 -5.50
CA ALA C 48 -18.61 -27.21 -5.38
C ALA C 48 -18.14 -28.16 -6.47
N LEU C 49 -18.01 -27.63 -7.68
CA LEU C 49 -17.57 -28.43 -8.81
C LEU C 49 -16.14 -28.94 -8.61
N ASP C 50 -15.27 -28.09 -8.07
CA ASP C 50 -13.89 -28.47 -7.83
C ASP C 50 -13.77 -29.56 -6.78
N THR C 51 -14.55 -29.45 -5.72
CA THR C 51 -14.55 -30.45 -4.66
C THR C 51 -14.85 -31.80 -5.32
N LEU C 52 -15.88 -31.81 -6.17
CA LEU C 52 -16.29 -33.00 -6.89
C LEU C 52 -15.18 -33.57 -7.79
N GLU C 53 -14.59 -32.71 -8.62
CA GLU C 53 -13.57 -33.18 -9.56
C GLU C 53 -12.27 -33.69 -8.96
N ASP C 54 -11.81 -33.09 -7.87
CA ASP C 54 -10.56 -33.55 -7.27
C ASP C 54 -10.75 -34.63 -6.20
N ASP C 55 -12.01 -34.96 -5.92
CA ASP C 55 -12.32 -35.99 -4.94
C ASP C 55 -11.98 -37.35 -5.50
N MET C 56 -10.73 -37.78 -5.29
CA MET C 56 -10.26 -39.06 -5.78
C MET C 56 -10.95 -40.29 -5.21
N THR C 57 -11.83 -40.12 -4.23
CA THR C 57 -12.54 -41.27 -3.68
C THR C 57 -13.82 -41.55 -4.47
N ILE C 58 -14.14 -40.68 -5.41
CA ILE C 58 -15.33 -40.85 -6.24
C ILE C 58 -14.88 -41.59 -7.50
N SER C 59 -15.59 -42.67 -7.82
CA SER C 59 -15.29 -43.48 -8.98
C SER C 59 -15.51 -42.70 -10.28
N VAL C 60 -14.52 -42.70 -11.16
CA VAL C 60 -14.60 -42.00 -12.45
C VAL C 60 -15.92 -42.29 -13.15
N GLU C 61 -16.46 -43.49 -12.90
CA GLU C 61 -17.71 -43.93 -13.50
C GLU C 61 -18.92 -43.10 -13.11
N LYS C 62 -19.16 -42.96 -11.81
CA LYS C 62 -20.30 -42.18 -11.34
C LYS C 62 -19.97 -40.68 -11.39
N LYS C 63 -18.69 -40.39 -11.37
CA LYS C 63 -18.16 -39.03 -11.40
C LYS C 63 -18.50 -38.30 -12.69
N VAL C 64 -18.28 -38.96 -13.82
CA VAL C 64 -18.54 -38.36 -15.12
C VAL C 64 -19.89 -37.66 -15.23
N PRO C 65 -21.00 -38.33 -14.87
CA PRO C 65 -22.31 -37.66 -14.96
C PRO C 65 -22.41 -36.48 -13.99
N LEU C 66 -21.79 -36.62 -12.82
CA LEU C 66 -21.79 -35.56 -11.81
C LEU C 66 -21.19 -34.29 -12.39
N LEU C 67 -20.05 -34.43 -13.04
CA LEU C 67 -19.36 -33.31 -13.64
C LEU C 67 -20.12 -32.77 -14.87
N HIS C 68 -20.66 -33.67 -15.68
CA HIS C 68 -21.44 -33.31 -16.87
C HIS C 68 -22.73 -32.60 -16.53
N ASN C 69 -23.45 -33.13 -15.54
CA ASN C 69 -24.73 -32.58 -15.14
C ASN C 69 -24.70 -31.45 -14.11
N PHE C 70 -23.52 -31.15 -13.58
CA PHE C 70 -23.42 -30.10 -12.58
C PHE C 70 -24.18 -28.82 -12.95
N HIS C 71 -24.12 -28.41 -14.21
CA HIS C 71 -24.82 -27.22 -14.65
C HIS C 71 -26.35 -27.34 -14.46
N SER C 72 -26.88 -28.54 -14.60
CA SER C 72 -28.32 -28.72 -14.42
C SER C 72 -28.72 -28.71 -12.94
N PHE C 73 -27.78 -29.10 -12.07
CA PHE C 73 -28.03 -29.09 -10.63
C PHE C 73 -28.33 -27.68 -10.13
N LEU C 74 -27.80 -26.69 -10.84
CA LEU C 74 -28.02 -25.29 -10.52
C LEU C 74 -29.51 -24.95 -10.55
N TYR C 75 -30.27 -25.69 -11.35
CA TYR C 75 -31.70 -25.48 -11.51
C TYR C 75 -32.55 -26.53 -10.81
N GLN C 76 -31.90 -27.40 -10.04
CA GLN C 76 -32.59 -28.46 -9.31
C GLN C 76 -32.52 -28.15 -7.82
N PRO C 77 -33.59 -27.53 -7.26
CA PRO C 77 -33.75 -27.12 -5.87
C PRO C 77 -33.39 -28.12 -4.77
N ASP C 78 -33.51 -29.41 -5.06
CA ASP C 78 -33.20 -30.45 -4.08
C ASP C 78 -31.87 -31.16 -4.28
N TRP C 79 -31.13 -30.84 -5.34
CA TRP C 79 -29.87 -31.55 -5.54
C TRP C 79 -28.83 -31.25 -4.48
N ARG C 80 -28.16 -32.31 -4.03
CA ARG C 80 -27.09 -32.21 -3.05
C ARG C 80 -26.29 -33.51 -3.17
N PHE C 81 -25.03 -33.45 -2.76
CA PHE C 81 -24.16 -34.62 -2.80
C PHE C 81 -23.65 -34.86 -1.38
N MET C 82 -24.12 -35.93 -0.75
CA MET C 82 -23.75 -36.28 0.62
C MET C 82 -22.58 -37.25 0.71
N GLU C 83 -22.10 -37.76 -0.42
CA GLU C 83 -21.01 -38.73 -0.39
C GLU C 83 -19.61 -38.13 -0.42
N SER C 84 -19.49 -36.81 -0.34
CA SER C 84 -18.17 -36.19 -0.38
C SER C 84 -17.41 -36.30 0.94
N LYS C 85 -16.12 -36.58 0.83
CA LYS C 85 -15.25 -36.70 1.99
C LYS C 85 -14.05 -35.76 1.77
N GLU C 86 -14.34 -34.62 1.17
CA GLU C 86 -13.33 -33.60 0.89
C GLU C 86 -13.61 -32.44 1.86
N LYS C 87 -12.64 -31.55 2.04
CA LYS C 87 -12.78 -30.43 2.96
C LYS C 87 -14.05 -29.57 2.82
N ASP C 88 -14.32 -29.09 1.61
CA ASP C 88 -15.49 -28.26 1.38
C ASP C 88 -16.79 -29.00 1.11
N ARG C 89 -16.89 -30.24 1.59
CA ARG C 89 -18.08 -31.07 1.40
C ARG C 89 -19.38 -30.35 1.75
N GLN C 90 -19.29 -29.35 2.63
CA GLN C 90 -20.45 -28.56 3.06
C GLN C 90 -21.13 -27.84 1.91
N VAL C 91 -20.32 -27.40 0.95
CA VAL C 91 -20.81 -26.70 -0.23
C VAL C 91 -21.65 -27.65 -1.11
N LEU C 92 -21.32 -28.93 -1.06
CA LEU C 92 -22.01 -29.99 -1.81
C LEU C 92 -23.22 -30.49 -1.05
N GLU C 93 -23.07 -30.61 0.27
CA GLU C 93 -24.14 -31.09 1.13
C GLU C 93 -25.27 -30.07 1.23
N ASP C 94 -24.93 -28.79 1.16
CA ASP C 94 -25.94 -27.76 1.24
C ASP C 94 -26.07 -26.96 -0.06
N PHE C 95 -25.95 -27.66 -1.18
CA PHE C 95 -26.07 -27.01 -2.48
C PHE C 95 -27.40 -26.30 -2.65
N PRO C 96 -28.52 -26.89 -2.17
CA PRO C 96 -29.82 -26.23 -2.31
C PRO C 96 -29.84 -24.77 -1.86
N THR C 97 -29.02 -24.45 -0.88
CA THR C 97 -28.94 -23.09 -0.37
C THR C 97 -28.24 -22.20 -1.39
N ILE C 98 -27.24 -22.76 -2.06
CA ILE C 98 -26.45 -22.06 -3.07
C ILE C 98 -27.21 -21.94 -4.39
N SER C 99 -27.80 -23.06 -4.85
CA SER C 99 -28.55 -23.07 -6.09
C SER C 99 -29.74 -22.11 -6.00
N LEU C 100 -30.33 -22.02 -4.81
CA LEU C 100 -31.45 -21.12 -4.57
C LEU C 100 -31.02 -19.66 -4.84
N GLU C 101 -29.83 -19.30 -4.38
CA GLU C 101 -29.33 -17.96 -4.59
C GLU C 101 -28.89 -17.76 -6.03
N PHE C 102 -28.39 -18.83 -6.64
CA PHE C 102 -27.98 -18.77 -8.05
C PHE C 102 -29.20 -18.34 -8.84
N ARG C 103 -30.33 -19.01 -8.58
CA ARG C 103 -31.58 -18.71 -9.25
C ARG C 103 -32.17 -17.35 -8.92
N ASN C 104 -31.71 -16.74 -7.82
CA ASN C 104 -32.18 -15.40 -7.44
C ASN C 104 -31.39 -14.34 -8.17
N LEU C 105 -30.36 -14.75 -8.90
CA LEU C 105 -29.55 -13.79 -9.65
C LEU C 105 -30.29 -13.39 -10.93
N ALA C 106 -29.94 -12.22 -11.45
CA ALA C 106 -30.54 -11.76 -12.71
C ALA C 106 -30.20 -12.80 -13.79
N GLU C 107 -31.12 -12.97 -14.73
CA GLU C 107 -30.98 -13.91 -15.83
C GLU C 107 -29.63 -13.83 -16.54
N LYS C 108 -29.15 -12.61 -16.82
CA LYS C 108 -27.88 -12.41 -17.49
C LYS C 108 -26.68 -13.05 -16.76
N TYR C 109 -26.74 -13.13 -15.44
CA TYR C 109 -25.67 -13.73 -14.65
C TYR C 109 -25.81 -15.25 -14.65
N GLN C 110 -27.04 -15.73 -14.53
CA GLN C 110 -27.31 -17.15 -14.54
C GLN C 110 -26.82 -17.80 -15.84
N THR C 111 -27.09 -17.14 -16.95
CA THR C 111 -26.67 -17.64 -18.26
C THR C 111 -25.16 -17.84 -18.35
N VAL C 112 -24.41 -16.86 -17.87
CA VAL C 112 -22.95 -16.94 -17.89
C VAL C 112 -22.47 -18.07 -17.00
N ILE C 113 -22.88 -18.04 -15.74
CA ILE C 113 -22.47 -19.07 -14.78
C ILE C 113 -22.80 -20.49 -15.26
N ALA C 114 -24.06 -20.72 -15.62
CA ALA C 114 -24.47 -22.05 -16.10
C ALA C 114 -23.66 -22.50 -17.32
N ASP C 115 -23.38 -21.56 -18.23
CA ASP C 115 -22.60 -21.87 -19.43
C ASP C 115 -21.19 -22.32 -19.09
N ILE C 116 -20.53 -21.54 -18.23
CA ILE C 116 -19.17 -21.88 -17.81
C ILE C 116 -19.13 -23.24 -17.10
N CYS C 117 -20.04 -23.46 -16.15
CA CYS C 117 -20.12 -24.71 -15.42
C CYS C 117 -20.35 -25.90 -16.36
N ARG C 118 -21.15 -25.69 -17.42
CA ARG C 118 -21.45 -26.75 -18.37
C ARG C 118 -20.19 -27.18 -19.12
N ARG C 119 -19.57 -26.21 -19.78
CA ARG C 119 -18.37 -26.45 -20.56
C ARG C 119 -17.25 -26.96 -19.68
N MET C 120 -17.17 -26.44 -18.46
CA MET C 120 -16.14 -26.87 -17.53
C MET C 120 -16.29 -28.35 -17.21
N GLY C 121 -17.51 -28.77 -16.88
CA GLY C 121 -17.80 -30.16 -16.54
C GLY C 121 -17.42 -31.13 -17.65
N ILE C 122 -17.67 -30.73 -18.89
CA ILE C 122 -17.34 -31.53 -20.05
C ILE C 122 -15.83 -31.79 -20.01
N GLY C 123 -15.06 -30.70 -19.90
CA GLY C 123 -13.61 -30.77 -19.85
C GLY C 123 -13.02 -31.58 -18.71
N MET C 124 -13.55 -31.41 -17.50
CA MET C 124 -13.05 -32.15 -16.35
C MET C 124 -13.22 -33.65 -16.55
N ALA C 125 -14.39 -34.06 -17.04
CA ALA C 125 -14.66 -35.47 -17.30
C ALA C 125 -13.63 -35.94 -18.32
N GLU C 126 -13.37 -35.11 -19.31
CA GLU C 126 -12.40 -35.40 -20.38
C GLU C 126 -11.03 -35.84 -19.83
N PHE C 127 -10.53 -35.14 -18.83
CA PHE C 127 -9.24 -35.48 -18.22
C PHE C 127 -9.40 -36.35 -16.97
N LEU C 128 -10.62 -36.80 -16.70
CA LEU C 128 -10.88 -37.61 -15.52
C LEU C 128 -10.04 -38.89 -15.50
N ASP C 129 -9.60 -39.33 -16.68
CA ASP C 129 -8.77 -40.52 -16.80
C ASP C 129 -7.46 -40.20 -17.54
N LYS C 130 -7.50 -39.15 -18.36
CA LYS C 130 -6.35 -38.69 -19.12
C LYS C 130 -5.66 -37.71 -18.16
N HIS C 131 -4.33 -37.76 -18.06
CA HIS C 131 -3.65 -36.88 -17.11
C HIS C 131 -2.62 -35.87 -17.64
N VAL C 132 -2.96 -35.17 -18.72
CA VAL C 132 -2.08 -34.16 -19.30
C VAL C 132 -0.74 -34.69 -19.83
N THR C 133 -0.64 -34.82 -21.14
CA THR C 133 0.57 -35.31 -21.76
C THR C 133 1.40 -34.15 -22.32
N SER C 134 0.91 -33.53 -23.39
CA SER C 134 1.62 -32.44 -24.02
C SER C 134 1.36 -31.07 -23.39
N GLU C 135 2.16 -30.08 -23.78
CA GLU C 135 2.03 -28.72 -23.29
C GLU C 135 0.74 -28.12 -23.78
N GLN C 136 0.41 -28.38 -25.04
CA GLN C 136 -0.84 -27.86 -25.60
C GLN C 136 -1.99 -28.42 -24.77
N GLU C 137 -1.84 -29.68 -24.37
CA GLU C 137 -2.84 -30.37 -23.56
C GLU C 137 -2.92 -29.75 -22.16
N TRP C 138 -1.81 -29.17 -21.70
CA TRP C 138 -1.75 -28.53 -20.39
C TRP C 138 -2.58 -27.27 -20.44
N ASP C 139 -2.51 -26.57 -21.56
CA ASP C 139 -3.29 -25.35 -21.75
C ASP C 139 -4.76 -25.74 -21.78
N LYS C 140 -5.06 -26.82 -22.52
CA LYS C 140 -6.42 -27.34 -22.65
C LYS C 140 -7.05 -27.56 -21.28
N TYR C 141 -6.38 -28.33 -20.44
CA TYR C 141 -6.89 -28.61 -19.11
C TYR C 141 -7.09 -27.31 -18.33
N CYS C 142 -6.03 -26.51 -18.21
CA CYS C 142 -6.08 -25.23 -17.52
C CYS C 142 -7.18 -24.32 -18.05
N HIS C 143 -7.52 -24.46 -19.32
CA HIS C 143 -8.58 -23.65 -19.93
C HIS C 143 -9.91 -24.06 -19.32
N TYR C 144 -10.08 -25.36 -19.15
CA TYR C 144 -11.31 -25.89 -18.59
C TYR C 144 -11.56 -25.46 -17.15
N VAL C 145 -10.58 -25.74 -16.30
CA VAL C 145 -10.67 -25.45 -14.87
C VAL C 145 -10.46 -24.00 -14.44
N ALA C 146 -9.72 -23.21 -15.21
CA ALA C 146 -9.46 -21.82 -14.83
C ALA C 146 -9.67 -20.78 -15.92
N GLY C 147 -9.25 -21.08 -17.13
CA GLY C 147 -9.43 -20.14 -18.22
C GLY C 147 -10.89 -19.77 -18.36
N LEU C 148 -11.77 -20.76 -18.25
CA LEU C 148 -13.20 -20.55 -18.35
C LEU C 148 -13.72 -19.68 -17.20
N VAL C 149 -13.01 -19.71 -16.07
CA VAL C 149 -13.39 -18.90 -14.91
C VAL C 149 -13.13 -17.43 -15.27
N GLY C 150 -11.97 -17.17 -15.86
CA GLY C 150 -11.63 -15.82 -16.27
C GLY C 150 -12.62 -15.32 -17.30
N ILE C 151 -13.02 -16.21 -18.21
CA ILE C 151 -14.00 -15.89 -19.26
C ILE C 151 -15.33 -15.52 -18.59
N GLY C 152 -15.80 -16.38 -17.69
CA GLY C 152 -17.04 -16.16 -16.99
C GLY C 152 -17.03 -14.85 -16.24
N LEU C 153 -16.01 -14.66 -15.40
CA LEU C 153 -15.86 -13.43 -14.62
C LEU C 153 -15.96 -12.24 -15.57
N SER C 154 -15.15 -12.27 -16.64
CA SER C 154 -15.14 -11.20 -17.62
C SER C 154 -16.54 -10.91 -18.13
N ARG C 155 -17.27 -11.95 -18.52
CA ARG C 155 -18.63 -11.80 -19.02
C ARG C 155 -19.55 -11.21 -17.93
N LEU C 156 -19.36 -11.62 -16.68
CA LEU C 156 -20.15 -11.08 -15.59
C LEU C 156 -19.83 -9.60 -15.42
N PHE C 157 -18.55 -9.23 -15.58
CA PHE C 157 -18.12 -7.84 -15.46
C PHE C 157 -18.82 -6.97 -16.52
N SER C 158 -18.85 -7.47 -17.75
CA SER C 158 -19.48 -6.74 -18.85
C SER C 158 -20.99 -6.76 -18.74
N ALA C 159 -21.56 -7.85 -18.23
CA ALA C 159 -23.02 -7.93 -18.09
C ALA C 159 -23.53 -6.87 -17.13
N SER C 160 -22.81 -6.66 -16.05
CA SER C 160 -23.19 -5.68 -15.03
C SER C 160 -22.99 -4.23 -15.47
N GLU C 161 -22.23 -4.04 -16.55
CA GLU C 161 -21.91 -2.72 -17.09
C GLU C 161 -20.87 -1.91 -16.30
N PHE C 162 -20.23 -2.53 -15.31
CA PHE C 162 -19.20 -1.81 -14.54
C PHE C 162 -17.91 -1.78 -15.36
N GLU C 163 -17.80 -2.72 -16.30
CA GLU C 163 -16.65 -2.81 -17.18
C GLU C 163 -17.18 -2.80 -18.60
N ASP C 164 -16.31 -2.48 -19.55
CA ASP C 164 -16.67 -2.41 -20.96
C ASP C 164 -16.85 -3.78 -21.60
N PRO C 165 -17.67 -3.84 -22.67
CA PRO C 165 -17.95 -5.08 -23.41
C PRO C 165 -16.68 -5.80 -23.89
N LEU C 166 -15.61 -5.03 -24.12
CA LEU C 166 -14.32 -5.57 -24.58
C LEU C 166 -13.82 -6.61 -23.59
N VAL C 167 -13.99 -6.35 -22.29
CA VAL C 167 -13.54 -7.26 -21.25
C VAL C 167 -14.16 -8.64 -21.45
N GLY C 168 -15.48 -8.69 -21.63
CA GLY C 168 -16.15 -9.95 -21.85
C GLY C 168 -15.84 -10.55 -23.21
N GLU C 169 -15.67 -9.68 -24.22
CA GLU C 169 -15.39 -10.10 -25.60
C GLU C 169 -14.04 -10.78 -25.82
N ASP C 170 -12.98 -10.19 -25.27
CA ASP C 170 -11.66 -10.77 -25.44
C ASP C 170 -11.48 -11.99 -24.56
N THR C 171 -11.89 -13.14 -25.07
CA THR C 171 -11.81 -14.38 -24.34
C THR C 171 -10.37 -14.84 -24.17
N GLU C 172 -9.53 -14.53 -25.14
CA GLU C 172 -8.12 -14.91 -25.10
C GLU C 172 -7.46 -14.34 -23.85
N ARG C 173 -7.61 -13.03 -23.67
CA ARG C 173 -7.06 -12.31 -22.54
C ARG C 173 -7.58 -12.86 -21.21
N ALA C 174 -8.89 -13.09 -21.13
CA ALA C 174 -9.52 -13.63 -19.94
C ALA C 174 -9.04 -15.06 -19.66
N ASN C 175 -8.82 -15.82 -20.72
CA ASN C 175 -8.35 -17.20 -20.56
C ASN C 175 -6.95 -17.23 -20.00
N SER C 176 -6.09 -16.33 -20.49
CA SER C 176 -4.72 -16.24 -20.01
C SER C 176 -4.64 -15.95 -18.52
N MET C 177 -5.52 -15.07 -18.03
CA MET C 177 -5.59 -14.73 -16.62
C MET C 177 -5.78 -16.00 -15.82
N GLY C 178 -6.63 -16.88 -16.34
CA GLY C 178 -6.89 -18.14 -15.68
C GLY C 178 -5.75 -19.12 -15.78
N LEU C 179 -5.15 -19.20 -16.97
CA LEU C 179 -4.03 -20.10 -17.21
C LEU C 179 -2.85 -19.74 -16.33
N PHE C 180 -2.64 -18.44 -16.10
CA PHE C 180 -1.52 -18.03 -15.27
C PHE C 180 -1.66 -18.52 -13.84
N LEU C 181 -2.81 -18.24 -13.23
CA LEU C 181 -3.06 -18.67 -11.84
C LEU C 181 -3.02 -20.19 -11.68
N GLN C 182 -3.66 -20.90 -12.61
CA GLN C 182 -3.71 -22.36 -12.54
C GLN C 182 -2.34 -23.03 -12.64
N LYS C 183 -1.57 -22.63 -13.65
CA LYS C 183 -0.25 -23.21 -13.84
C LYS C 183 0.66 -22.99 -12.63
N THR C 184 0.62 -21.79 -12.03
CA THR C 184 1.48 -21.55 -10.87
C THR C 184 1.03 -22.44 -9.71
N ASN C 185 -0.28 -22.62 -9.55
CA ASN C 185 -0.81 -23.48 -8.49
C ASN C 185 -0.36 -24.93 -8.71
N ILE C 186 -0.49 -25.39 -9.95
CA ILE C 186 -0.10 -26.74 -10.32
C ILE C 186 1.40 -26.92 -10.08
N ILE C 187 2.17 -25.86 -10.32
CA ILE C 187 3.61 -25.90 -10.11
C ILE C 187 3.95 -25.96 -8.62
N ARG C 188 3.37 -25.04 -7.85
CA ARG C 188 3.60 -24.96 -6.42
C ARG C 188 3.08 -26.18 -5.65
N ASP C 189 1.98 -26.76 -6.10
CA ASP C 189 1.40 -27.93 -5.42
C ASP C 189 1.86 -29.30 -5.90
N TYR C 190 3.06 -29.39 -6.48
CA TYR C 190 3.55 -30.67 -6.96
C TYR C 190 3.52 -31.78 -5.90
N LEU C 191 4.25 -31.59 -4.80
CA LEU C 191 4.31 -32.60 -3.74
C LEU C 191 2.93 -32.91 -3.17
N GLU C 192 2.11 -31.87 -3.01
CA GLU C 192 0.77 -32.04 -2.47
C GLU C 192 -0.07 -32.94 -3.36
N ASP C 193 -0.09 -32.65 -4.66
CA ASP C 193 -0.86 -33.44 -5.61
C ASP C 193 -0.35 -34.85 -5.69
N GLN C 194 0.98 -34.99 -5.73
CA GLN C 194 1.60 -36.30 -5.81
C GLN C 194 1.10 -37.17 -4.67
N GLN C 195 1.24 -36.66 -3.46
CA GLN C 195 0.82 -37.37 -2.26
C GLN C 195 -0.68 -37.68 -2.24
N GLY C 196 -1.46 -36.84 -2.91
CA GLY C 196 -2.91 -37.05 -2.98
C GLY C 196 -3.35 -37.83 -4.20
N GLY C 197 -2.40 -38.51 -4.84
CA GLY C 197 -2.70 -39.32 -6.01
C GLY C 197 -3.18 -38.59 -7.25
N ARG C 198 -2.68 -37.37 -7.47
CA ARG C 198 -3.05 -36.59 -8.65
C ARG C 198 -1.77 -36.13 -9.36
N GLU C 199 -1.82 -36.01 -10.68
CA GLU C 199 -0.67 -35.61 -11.47
C GLU C 199 -1.12 -34.63 -12.55
N PHE C 200 -0.60 -33.41 -12.52
CA PHE C 200 -1.00 -32.40 -13.50
C PHE C 200 0.13 -31.81 -14.36
N TRP C 201 1.37 -32.17 -14.04
CA TRP C 201 2.51 -31.68 -14.81
C TRP C 201 2.52 -32.40 -16.16
N PRO C 202 2.61 -31.64 -17.26
CA PRO C 202 2.63 -32.22 -18.61
C PRO C 202 3.74 -33.27 -18.79
N GLN C 203 3.31 -34.46 -19.20
CA GLN C 203 4.21 -35.59 -19.41
C GLN C 203 5.31 -35.28 -20.43
N GLU C 204 4.97 -34.55 -21.47
CA GLU C 204 5.92 -34.17 -22.52
C GLU C 204 7.15 -33.47 -21.92
N VAL C 205 6.93 -32.77 -20.81
CA VAL C 205 8.01 -32.05 -20.14
C VAL C 205 8.74 -32.90 -19.11
N TRP C 206 8.00 -33.48 -18.17
CA TRP C 206 8.68 -34.26 -17.14
C TRP C 206 9.34 -35.53 -17.65
N SER C 207 8.85 -36.06 -18.78
CA SER C 207 9.45 -37.28 -19.35
C SER C 207 10.86 -37.00 -19.86
N ARG C 208 11.19 -35.72 -20.05
CA ARG C 208 12.53 -35.34 -20.49
C ARG C 208 13.51 -35.65 -19.37
N TYR C 209 12.99 -35.77 -18.16
CA TYR C 209 13.81 -35.98 -16.97
C TYR C 209 13.67 -37.34 -16.28
N VAL C 210 12.44 -37.75 -16.01
CA VAL C 210 12.20 -39.02 -15.33
C VAL C 210 11.18 -39.95 -15.99
N LYS C 211 11.16 -41.18 -15.52
CA LYS C 211 10.26 -42.21 -16.03
C LYS C 211 8.82 -41.97 -15.61
N LYS C 212 8.64 -41.37 -14.43
CA LYS C 212 7.29 -41.08 -13.93
C LYS C 212 7.32 -39.86 -12.99
N LEU C 213 6.30 -39.01 -13.10
CA LEU C 213 6.18 -37.79 -12.29
C LEU C 213 6.61 -37.91 -10.84
N GLY C 214 6.07 -38.89 -10.14
CA GLY C 214 6.40 -39.08 -8.74
C GLY C 214 7.88 -39.24 -8.41
N ASP C 215 8.70 -39.53 -9.41
CA ASP C 215 10.13 -39.69 -9.21
C ASP C 215 10.76 -38.39 -8.74
N PHE C 216 10.14 -37.26 -9.06
CA PHE C 216 10.62 -35.96 -8.64
C PHE C 216 10.59 -35.84 -7.11
N ALA C 217 9.67 -36.58 -6.49
CA ALA C 217 9.54 -36.56 -5.04
C ALA C 217 10.69 -37.30 -4.38
N LYS C 218 11.44 -38.05 -5.18
CA LYS C 218 12.58 -38.80 -4.67
C LYS C 218 13.82 -37.90 -4.57
N PRO C 219 14.43 -37.83 -3.37
CA PRO C 219 15.62 -37.02 -3.07
C PRO C 219 16.75 -37.10 -4.09
N GLU C 220 17.01 -38.29 -4.62
CA GLU C 220 18.09 -38.44 -5.59
C GLU C 220 17.82 -37.76 -6.93
N ASN C 221 16.58 -37.30 -7.13
CA ASN C 221 16.22 -36.65 -8.37
C ASN C 221 15.99 -35.14 -8.31
N ILE C 222 16.42 -34.46 -7.24
CA ILE C 222 16.17 -33.02 -7.18
C ILE C 222 16.69 -32.18 -8.34
N ASP C 223 17.94 -32.38 -8.71
CA ASP C 223 18.51 -31.59 -9.80
C ASP C 223 17.65 -31.68 -11.05
N LEU C 224 17.26 -32.88 -11.45
CA LEU C 224 16.39 -33.06 -12.62
C LEU C 224 15.05 -32.37 -12.36
N ALA C 225 14.55 -32.52 -11.13
CA ALA C 225 13.28 -31.95 -10.71
C ALA C 225 13.29 -30.42 -10.81
N VAL C 226 14.39 -29.80 -10.39
CA VAL C 226 14.52 -28.34 -10.42
C VAL C 226 14.59 -27.83 -11.86
N GLN C 227 15.22 -28.62 -12.73
CA GLN C 227 15.30 -28.26 -14.13
C GLN C 227 13.89 -28.22 -14.71
N CYS C 228 13.12 -29.27 -14.43
CA CYS C 228 11.74 -29.38 -14.90
C CYS C 228 10.92 -28.22 -14.36
N LEU C 229 11.13 -27.92 -13.07
CA LEU C 229 10.44 -26.82 -12.41
C LEU C 229 10.68 -25.51 -13.16
N ASN C 230 11.96 -25.23 -13.44
CA ASN C 230 12.33 -24.00 -14.14
C ASN C 230 11.69 -23.95 -15.51
N GLU C 231 11.61 -25.10 -16.18
CA GLU C 231 11.00 -25.19 -17.50
C GLU C 231 9.50 -24.88 -17.42
N LEU C 232 8.82 -25.45 -16.43
CA LEU C 232 7.40 -25.21 -16.25
C LEU C 232 7.11 -23.74 -15.95
N ILE C 233 7.90 -23.13 -15.08
CA ILE C 233 7.72 -21.73 -14.73
C ILE C 233 7.90 -20.83 -15.95
N THR C 234 8.90 -21.14 -16.78
CA THR C 234 9.16 -20.38 -18.01
C THR C 234 7.93 -20.43 -18.92
N ASN C 235 7.29 -21.58 -18.99
CA ASN C 235 6.08 -21.77 -19.78
C ASN C 235 5.00 -20.80 -19.24
N ALA C 236 4.78 -20.84 -17.93
CA ALA C 236 3.78 -19.99 -17.25
C ALA C 236 4.05 -18.51 -17.41
N LEU C 237 5.32 -18.13 -17.48
CA LEU C 237 5.67 -16.73 -17.65
C LEU C 237 5.12 -16.11 -18.93
N HIS C 238 4.82 -16.94 -19.92
CA HIS C 238 4.29 -16.45 -21.19
C HIS C 238 2.92 -15.80 -21.13
N HIS C 239 2.19 -16.02 -20.04
CA HIS C 239 0.86 -15.44 -19.87
C HIS C 239 0.86 -14.03 -19.30
N ILE C 240 1.99 -13.62 -18.73
CA ILE C 240 2.11 -12.27 -18.16
C ILE C 240 1.72 -11.18 -19.17
N PRO C 241 2.19 -11.27 -20.43
CA PRO C 241 1.82 -10.22 -21.39
C PRO C 241 0.30 -10.00 -21.46
N ASP C 242 -0.45 -11.10 -21.50
CA ASP C 242 -1.91 -11.06 -21.55
C ASP C 242 -2.51 -10.54 -20.24
N VAL C 243 -1.93 -10.97 -19.12
CA VAL C 243 -2.37 -10.53 -17.80
C VAL C 243 -2.21 -9.00 -17.69
N ILE C 244 -1.07 -8.47 -18.13
CA ILE C 244 -0.84 -7.03 -18.08
C ILE C 244 -1.82 -6.29 -18.97
N THR C 245 -2.18 -6.89 -20.10
CA THR C 245 -3.15 -6.29 -21.02
C THR C 245 -4.56 -6.33 -20.42
N TYR C 246 -4.93 -7.47 -19.87
CA TYR C 246 -6.25 -7.61 -19.26
C TYR C 246 -6.43 -6.60 -18.14
N LEU C 247 -5.46 -6.55 -17.23
CA LEU C 247 -5.53 -5.63 -16.09
C LEU C 247 -5.55 -4.16 -16.49
N SER C 248 -4.84 -3.82 -17.57
CA SER C 248 -4.80 -2.43 -18.02
C SER C 248 -6.13 -1.92 -18.59
N ARG C 249 -7.02 -2.81 -18.98
CA ARG C 249 -8.30 -2.40 -19.54
C ARG C 249 -9.36 -2.14 -18.47
N LEU C 250 -9.15 -2.64 -17.27
CA LEU C 250 -10.13 -2.47 -16.21
C LEU C 250 -10.32 -1.01 -15.82
N ARG C 251 -11.58 -0.64 -15.62
CA ARG C 251 -11.95 0.72 -15.25
C ARG C 251 -12.59 0.83 -13.86
N ASN C 252 -13.00 -0.30 -13.30
CA ASN C 252 -13.65 -0.31 -11.99
C ASN C 252 -12.63 -0.70 -10.93
N GLN C 253 -12.52 0.11 -9.87
CA GLN C 253 -11.56 -0.16 -8.80
C GLN C 253 -11.81 -1.48 -8.06
N SER C 254 -13.05 -1.74 -7.66
CA SER C 254 -13.35 -2.99 -6.95
C SER C 254 -12.98 -4.19 -7.82
N VAL C 255 -13.32 -4.13 -9.11
CA VAL C 255 -12.99 -5.22 -10.03
C VAL C 255 -11.48 -5.32 -10.16
N PHE C 256 -10.82 -4.17 -10.31
CA PHE C 256 -9.37 -4.12 -10.45
C PHE C 256 -8.66 -4.80 -9.28
N ASN C 257 -9.05 -4.46 -8.06
CA ASN C 257 -8.45 -5.05 -6.86
C ASN C 257 -8.63 -6.56 -6.95
N PHE C 258 -9.87 -6.96 -7.19
CA PHE C 258 -10.27 -8.35 -7.33
C PHE C 258 -9.37 -9.11 -8.32
N CYS C 259 -9.10 -8.50 -9.47
CA CYS C 259 -8.26 -9.13 -10.50
C CYS C 259 -6.74 -9.06 -10.30
N ALA C 260 -6.25 -7.92 -9.84
CA ALA C 260 -4.81 -7.73 -9.63
C ALA C 260 -4.18 -8.60 -8.53
N ILE C 261 -4.83 -8.62 -7.37
CA ILE C 261 -4.36 -9.39 -6.21
C ILE C 261 -3.92 -10.83 -6.51
N PRO C 262 -4.79 -11.65 -7.13
CA PRO C 262 -4.41 -13.03 -7.44
C PRO C 262 -3.20 -13.10 -8.36
N GLN C 263 -3.14 -12.23 -9.36
CA GLN C 263 -2.03 -12.21 -10.30
C GLN C 263 -0.70 -11.89 -9.63
N VAL C 264 -0.71 -10.88 -8.75
CA VAL C 264 0.49 -10.49 -8.04
C VAL C 264 0.93 -11.62 -7.12
N MET C 265 -0.03 -12.25 -6.47
CA MET C 265 0.28 -13.37 -5.56
C MET C 265 0.84 -14.56 -6.33
N ALA C 266 0.37 -14.75 -7.56
CA ALA C 266 0.85 -15.84 -8.40
C ALA C 266 2.30 -15.57 -8.83
N ILE C 267 2.57 -14.39 -9.37
CA ILE C 267 3.93 -14.05 -9.80
C ILE C 267 4.86 -14.15 -8.59
N ALA C 268 4.39 -13.69 -7.43
CA ALA C 268 5.17 -13.75 -6.21
C ALA C 268 5.54 -15.20 -5.93
N THR C 269 4.58 -16.10 -6.11
CA THR C 269 4.79 -17.52 -5.90
C THR C 269 5.78 -18.11 -6.90
N LEU C 270 5.66 -17.76 -8.17
CA LEU C 270 6.57 -18.28 -9.20
C LEU C 270 8.00 -17.84 -8.96
N ALA C 271 8.17 -16.58 -8.59
CA ALA C 271 9.47 -16.01 -8.29
C ALA C 271 10.07 -16.71 -7.07
N ALA C 272 9.21 -17.15 -6.15
CA ALA C 272 9.65 -17.85 -4.95
C ALA C 272 10.00 -19.31 -5.24
N CYS C 273 9.26 -19.91 -6.18
CA CYS C 273 9.49 -21.31 -6.55
C CYS C 273 10.63 -21.47 -7.54
N TYR C 274 10.88 -20.45 -8.36
CA TYR C 274 11.92 -20.55 -9.38
C TYR C 274 13.26 -21.06 -8.89
N ASN C 275 13.72 -22.16 -9.49
CA ASN C 275 15.00 -22.76 -9.15
C ASN C 275 15.11 -23.12 -7.66
N ASN C 276 13.97 -23.48 -7.07
CA ASN C 276 13.91 -23.78 -5.64
C ASN C 276 13.60 -25.23 -5.32
N GLN C 277 14.58 -25.93 -4.77
CA GLN C 277 14.43 -27.34 -4.39
C GLN C 277 13.24 -27.61 -3.47
N GLN C 278 12.94 -26.66 -2.59
CA GLN C 278 11.85 -26.81 -1.62
C GLN C 278 10.51 -27.20 -2.23
N VAL C 279 10.30 -26.89 -3.51
CA VAL C 279 9.05 -27.23 -4.17
C VAL C 279 8.81 -28.73 -4.12
N PHE C 280 9.90 -29.49 -4.17
CA PHE C 280 9.82 -30.95 -4.15
C PHE C 280 9.98 -31.51 -2.73
N LYS C 281 10.16 -30.62 -1.76
CA LYS C 281 10.30 -31.01 -0.36
C LYS C 281 9.05 -30.64 0.42
N GLY C 282 8.30 -29.66 -0.08
CA GLY C 282 7.09 -29.24 0.59
C GLY C 282 6.59 -27.91 0.08
N ALA C 283 5.82 -27.20 0.91
CA ALA C 283 5.29 -25.90 0.55
C ALA C 283 6.23 -24.84 1.14
N VAL C 284 6.31 -23.69 0.48
CA VAL C 284 7.19 -22.63 0.94
C VAL C 284 6.68 -21.24 0.54
N ALA C 298 -1.02 -2.68 -5.12
CA ALA C 298 -1.59 -3.28 -6.36
C ALA C 298 -3.02 -2.79 -6.57
N THR C 299 -3.20 -1.47 -6.51
CA THR C 299 -4.51 -0.87 -6.68
C THR C 299 -4.57 0.14 -7.82
N ASN C 300 -3.47 0.26 -8.55
CA ASN C 300 -3.41 1.15 -9.70
C ASN C 300 -2.46 0.45 -10.67
N MET C 301 -2.77 0.53 -11.95
CA MET C 301 -1.99 -0.16 -12.97
C MET C 301 -0.47 0.09 -13.00
N PRO C 302 -0.03 1.36 -12.94
CA PRO C 302 1.41 1.61 -12.96
C PRO C 302 2.13 0.91 -11.79
N ALA C 303 1.45 0.81 -10.65
CA ALA C 303 2.03 0.14 -9.49
C ALA C 303 2.05 -1.37 -9.71
N VAL C 304 0.97 -1.90 -10.30
CA VAL C 304 0.89 -3.33 -10.58
C VAL C 304 1.99 -3.77 -11.56
N LYS C 305 2.22 -2.97 -12.61
CA LYS C 305 3.24 -3.27 -13.60
C LYS C 305 4.59 -3.34 -12.90
N ALA C 306 4.90 -2.30 -12.15
CA ALA C 306 6.16 -2.21 -11.42
C ALA C 306 6.36 -3.44 -10.54
N ILE C 307 5.32 -3.83 -9.80
CA ILE C 307 5.39 -4.98 -8.90
C ILE C 307 5.72 -6.23 -9.70
N ILE C 308 5.01 -6.45 -10.81
CA ILE C 308 5.22 -7.60 -11.68
C ILE C 308 6.64 -7.59 -12.24
N TYR C 309 7.06 -6.44 -12.75
CA TYR C 309 8.40 -6.29 -13.33
C TYR C 309 9.48 -6.60 -12.32
N GLN C 310 9.27 -6.17 -11.07
CA GLN C 310 10.27 -6.44 -10.04
C GLN C 310 10.35 -7.92 -9.76
N TYR C 311 9.23 -8.62 -9.81
CA TYR C 311 9.25 -10.06 -9.56
C TYR C 311 9.96 -10.79 -10.69
N MET C 312 9.82 -10.25 -11.90
CA MET C 312 10.46 -10.83 -13.09
C MET C 312 11.97 -10.75 -12.89
N GLU C 313 12.43 -9.62 -12.36
CA GLU C 313 13.84 -9.44 -12.12
C GLU C 313 14.37 -10.38 -11.04
N GLU C 314 13.49 -10.79 -10.12
CA GLU C 314 13.88 -11.73 -9.07
C GLU C 314 14.23 -13.05 -9.77
N ILE C 315 13.40 -13.46 -10.71
CA ILE C 315 13.62 -14.69 -11.47
C ILE C 315 14.88 -14.56 -12.33
N TYR C 316 14.99 -13.43 -13.04
CA TYR C 316 16.13 -13.19 -13.92
C TYR C 316 17.48 -13.42 -13.23
N HIS C 317 17.66 -12.82 -12.07
CA HIS C 317 18.89 -12.97 -11.32
C HIS C 317 19.16 -14.41 -10.87
N ARG C 318 18.10 -15.21 -10.75
CA ARG C 318 18.25 -16.60 -10.32
C ARG C 318 18.53 -17.60 -11.43
N ILE C 319 18.42 -17.18 -12.69
CA ILE C 319 18.64 -18.10 -13.81
C ILE C 319 20.02 -18.75 -13.70
N PRO C 320 20.05 -20.06 -13.48
CA PRO C 320 21.31 -20.81 -13.36
C PRO C 320 21.98 -21.13 -14.70
N ASP C 321 23.30 -21.29 -14.68
CA ASP C 321 24.03 -21.63 -15.90
C ASP C 321 23.72 -23.09 -16.14
N SER C 322 24.00 -23.57 -17.35
CA SER C 322 23.76 -24.97 -17.73
C SER C 322 22.35 -25.45 -17.37
N ASP C 323 21.37 -24.61 -17.66
CA ASP C 323 19.97 -24.91 -17.41
C ASP C 323 19.27 -24.98 -18.77
N PRO C 324 18.62 -26.11 -19.07
CA PRO C 324 17.93 -26.30 -20.34
C PRO C 324 17.00 -25.21 -20.85
N SER C 325 16.31 -24.51 -19.97
CA SER C 325 15.38 -23.48 -20.42
C SER C 325 15.85 -22.04 -20.21
N SER C 326 17.06 -21.88 -19.65
CA SER C 326 17.60 -20.54 -19.37
C SER C 326 17.43 -19.53 -20.50
N SER C 327 17.75 -19.94 -21.71
CA SER C 327 17.65 -19.07 -22.86
C SER C 327 16.21 -18.63 -23.11
N LYS C 328 15.27 -19.54 -22.92
CA LYS C 328 13.86 -19.24 -23.12
C LYS C 328 13.34 -18.36 -21.98
N THR C 329 13.88 -18.57 -20.77
CA THR C 329 13.47 -17.79 -19.61
C THR C 329 13.84 -16.33 -19.84
N ARG C 330 15.04 -16.11 -20.35
CA ARG C 330 15.48 -14.75 -20.63
C ARG C 330 14.71 -14.12 -21.75
N GLN C 331 14.39 -14.92 -22.77
CA GLN C 331 13.66 -14.41 -23.92
C GLN C 331 12.28 -13.87 -23.54
N ILE C 332 11.52 -14.64 -22.76
CA ILE C 332 10.19 -14.17 -22.37
C ILE C 332 10.31 -12.96 -21.43
N ILE C 333 11.26 -13.00 -20.49
CA ILE C 333 11.45 -11.87 -19.58
C ILE C 333 11.82 -10.64 -20.39
N SER C 334 12.71 -10.82 -21.37
CA SER C 334 13.12 -9.71 -22.22
C SER C 334 11.89 -9.15 -22.91
N THR C 335 10.97 -10.02 -23.30
CA THR C 335 9.75 -9.57 -23.94
C THR C 335 8.89 -8.78 -22.97
N ILE C 336 8.78 -9.26 -21.73
CA ILE C 336 7.97 -8.58 -20.70
C ILE C 336 8.55 -7.21 -20.35
N ARG C 337 9.87 -7.12 -20.30
CA ARG C 337 10.53 -5.86 -19.98
C ARG C 337 10.28 -4.77 -21.01
N THR C 338 10.37 -5.14 -22.29
CA THR C 338 10.22 -4.14 -23.35
C THR C 338 8.85 -3.95 -23.98
N GLN C 339 7.92 -4.83 -23.65
CA GLN C 339 6.57 -4.74 -24.19
C GLN C 339 5.87 -3.44 -23.75
N ASN C 340 5.22 -3.43 -22.60
CA ASN C 340 4.51 -2.22 -22.14
C ASN C 340 4.13 -2.28 -20.67
C1 IN0 D . -10.71 12.83 15.54
C7 IN0 D . -10.96 11.47 14.86
C17 IN0 D . -11.82 11.52 13.58
C28 IN0 D . -11.22 11.60 12.31
C27 IN0 D . -12.00 11.60 11.15
C26 IN0 D . -13.41 11.52 11.25
C16 IN0 D . -14.03 11.44 12.51
C29 IN0 D . -15.43 11.32 12.63
C30 IN0 D . -16.04 11.21 13.88
C31 IN0 D . -15.26 11.23 15.04
C33 IN0 D . -13.86 11.35 14.95
C15 IN0 D . -13.24 11.43 13.69
O6 IN0 D . -9.72 10.77 14.62
C5 IN0 D . -8.83 10.73 15.76
C14 IN0 D . -7.75 9.64 15.50
C11 IN0 D . -6.51 9.82 16.33
O58 IN0 D . -6.06 10.94 16.51
N23 IN0 D . -5.94 8.71 16.87
C38 IN0 D . -4.73 8.83 17.70
C61 IN0 D . -4.94 8.30 19.13
C62 IN0 D . -3.62 8.21 19.88
O64 IN0 D . -3.24 6.97 20.25
O63 IN0 D . -2.94 9.19 20.13
C60 IN0 D . -3.57 8.10 17.05
O66 IN0 D . -3.77 6.86 16.59
O65 IN0 D . -2.48 8.64 16.96
C4 IN0 D . -9.58 10.52 17.06
O13 IN0 D . -9.56 9.41 17.56
N3 IN0 D . -10.23 11.60 17.63
C2 IN0 D . -10.36 12.84 16.92
C8 IN0 D . -10.15 14.07 17.57
C9 IN0 D . -10.24 15.26 16.86
C20 IN0 D . -10.56 15.25 15.49
CL36 IN0 D . -10.65 16.74 14.60
C21 IN0 D . -10.80 14.03 14.83
C43 IN0 D . -10.75 11.50 19.01
C10 IN0 D . -12.24 11.11 19.25
C32 IN0 D . -12.54 9.68 18.69
C25 IN0 D . -12.57 11.12 20.78
C24 IN0 D . -13.21 12.11 18.54
C1 IN0 E . 17.05 9.11 -11.45
C7 IN0 E . 16.24 9.36 -10.14
C17 IN0 E . 14.95 10.20 -10.28
C28 IN0 E . 13.72 9.53 -10.39
C27 IN0 E . 12.52 10.24 -10.51
C26 IN0 E . 12.55 11.64 -10.52
C16 IN0 E . 13.76 12.33 -10.40
C29 IN0 E . 13.77 13.73 -10.40
C30 IN0 E . 14.98 14.43 -10.29
C31 IN0 E . 16.19 13.73 -10.20
C33 IN0 E . 16.20 12.33 -10.21
C15 IN0 E . 14.98 11.62 -10.30
O6 IN0 E . 15.94 8.11 -9.48
C5 IN0 E . 17.01 7.16 -9.53
C14 IN0 E . 16.63 5.94 -8.65
C11 IN0 E . 17.65 4.83 -8.74
O58 IN0 E . 18.22 4.62 -9.79
N23 IN0 E . 17.87 4.11 -7.63
C38 IN0 E . 18.88 3.04 -7.60
C61 IN0 E . 19.22 2.61 -6.15
C62 IN0 E . 18.13 3.02 -5.18
O64 IN0 E . 18.48 3.95 -4.29
O63 IN0 E . 17.00 2.54 -5.24
C60 IN0 E . 18.41 1.82 -8.36
O66 IN0 E . 17.41 1.08 -7.86
O65 IN0 E . 18.93 1.53 -9.43
C4 IN0 E . 18.33 7.80 -9.14
O13 IN0 E . 18.70 7.71 -7.98
N3 IN0 E . 19.03 8.45 -10.12
C2 IN0 E . 18.40 8.66 -11.40
C8 IN0 E . 19.12 8.44 -12.60
C9 IN0 E . 18.48 8.61 -13.84
C20 IN0 E . 17.13 9.02 -13.91
CL36 IN0 E . 16.34 9.20 -15.45
C21 IN0 E . 16.43 9.28 -12.71
C43 IN0 E . 20.42 8.87 -9.87
C10 IN0 E . 20.75 10.39 -9.62
C32 IN0 E . 20.02 10.94 -8.36
C25 IN0 E . 22.28 10.63 -9.42
C24 IN0 E . 20.31 11.27 -10.83
C1 IN0 F . -10.94 -17.10 -8.87
C7 IN0 F . -9.63 -16.33 -9.17
C17 IN0 F . -9.77 -15.11 -10.09
C28 IN0 F . -10.06 -13.83 -9.53
C27 IN0 F . -10.18 -12.72 -10.38
C26 IN0 F . -9.98 -12.86 -11.77
C16 IN0 F . -9.68 -14.13 -12.31
C29 IN0 F . -9.44 -14.27 -13.68
C30 IN0 F . -9.14 -15.52 -14.22
C31 IN0 F . -9.08 -16.65 -13.40
C33 IN0 F . -9.31 -16.52 -12.03
C15 IN0 F . -9.59 -15.26 -11.48
O6 IN0 F . -8.93 -15.97 -7.97
C5 IN0 F . -9.02 -16.94 -6.91
C14 IN0 F . -8.13 -16.47 -5.74
C11 IN0 F . -8.31 -17.30 -4.50
O58 IN0 F . -9.36 -17.93 -4.31
N23 IN0 F . -7.28 -17.36 -3.63
C38 IN0 F . -7.40 -18.15 -2.41
C61 IN0 F . -6.58 -19.48 -2.49
C62 IN0 F . -5.29 -19.44 -1.72
O64 IN0 F . -4.26 -18.86 -2.33
O63 IN0 F . -5.20 -19.92 -0.59
C60 IN0 F . -6.99 -17.31 -1.21
O66 IN0 F . -5.80 -16.67 -1.21
O65 IN0 F . -7.75 -17.20 -0.25
C4 IN0 F . -8.68 -18.35 -7.40
O13 IN0 F . -7.58 -18.82 -7.12
N3 IN0 F . -9.62 -19.03 -8.15
C2 IN0 F . -10.90 -18.42 -8.37
C8 IN0 F . -12.07 -19.14 -8.12
C9 IN0 F . -13.31 -18.52 -8.32
C20 IN0 F . -13.38 -17.20 -8.77
CL36 IN0 F . -14.94 -16.44 -8.96
C21 IN0 F . -12.21 -16.49 -9.06
C43 IN0 F . -9.38 -20.42 -8.57
C10 IN0 F . -8.92 -20.73 -10.05
C32 IN0 F . -7.55 -20.04 -10.36
C25 IN0 F . -8.74 -22.26 -10.27
C24 IN0 F . -9.98 -20.22 -11.09
#